data_2ZZN
#
_entry.id   2ZZN
#
_cell.length_a   81.838
_cell.length_b   106.537
_cell.length_c   134.459
_cell.angle_alpha   90.00
_cell.angle_beta   90.00
_cell.angle_gamma   90.00
#
_symmetry.space_group_name_H-M   'P 21 21 21'
#
loop_
_entity.id
_entity.type
_entity.pdbx_description
1 polymer 'Uncharacterized protein MJ0883'
2 polymer 'RNA (71-MER)'
3 non-polymer S-ADENOSYLMETHIONINE
4 non-polymer 'MAGNESIUM ION'
5 water water
#
loop_
_entity_poly.entity_id
_entity_poly.type
_entity_poly.pdbx_seq_one_letter_code
_entity_poly.pdbx_strand_id
1 'polypeptide(L)'
;MPLCLKINKKHGEQTRRILIENNLLNKDYKITSEGNYLYLPIKDVDEDILKSILNIEFELVDKELEEKKIIKKPSFREII
SKKYRKEIDEGLISLSYDVVGDLVILQISDEVDEKIRKEIGELAYKLIPCKGVFRRKSEVKGEFRVRELEHLAGENRTLT
IHKENGYRLWVDIAKVYFSPRLGGERARIMKKVSLNDVVVDMFAGVGPFSIACKNAKKIYAIDINPHAIELLKKNIKLNK
LEHKIIPILSDVREVDVKGNRVIMNLPKFAHKFIDKALDIVEEGGVIHYYTIGKDFDKAIKLFEKKCDCEVLEKRIVKSY
APREYILALDFKINKK
;
A,B
2 'polyribonucleotide' GCCGGGGUAGUCUAGGGGCUAGGCAGCGGACUGCAGAUCCGCCUUACGUGGGUUCAAAUCCCACCCCCGGCUCCA C,D
#
# COMPACT_ATOMS: atom_id res chain seq x y z
N MET A 1 -19.06 20.51 39.42
CA MET A 1 -19.54 20.99 40.74
C MET A 1 -18.66 20.37 41.84
N PRO A 2 -18.33 21.14 42.90
CA PRO A 2 -17.48 20.61 43.97
C PRO A 2 -17.92 19.20 44.34
N LEU A 3 -19.20 18.91 44.12
CA LEU A 3 -19.77 17.60 44.40
C LEU A 3 -18.91 16.57 43.69
N CYS A 4 -17.91 16.06 44.40
CA CYS A 4 -16.99 15.08 43.85
C CYS A 4 -16.97 13.76 44.60
N LEU A 5 -16.98 12.68 43.84
CA LEU A 5 -16.96 11.34 44.38
C LEU A 5 -15.70 11.15 45.21
N LYS A 6 -15.79 10.40 46.29
CA LYS A 6 -14.65 10.14 47.13
C LYS A 6 -14.58 8.66 47.43
N ILE A 7 -13.72 7.97 46.71
CA ILE A 7 -13.53 6.54 46.88
C ILE A 7 -12.14 6.28 47.46
N ASN A 8 -11.70 5.03 47.43
CA ASN A 8 -10.37 4.71 47.92
C ASN A 8 -9.49 4.44 46.71
N LYS A 9 -8.29 5.01 46.71
CA LYS A 9 -7.34 4.84 45.62
C LYS A 9 -7.55 3.55 44.83
N LYS A 10 -7.46 2.41 45.51
CA LYS A 10 -7.62 1.09 44.90
C LYS A 10 -8.39 1.06 43.57
N HIS A 11 -9.70 1.29 43.62
CA HIS A 11 -10.52 1.27 42.40
C HIS A 11 -10.63 2.63 41.69
N GLY A 12 -9.55 3.40 41.72
CA GLY A 12 -9.56 4.71 41.09
C GLY A 12 -9.85 4.66 39.60
N GLU A 13 -8.83 4.32 38.82
CA GLU A 13 -8.93 4.24 37.36
C GLU A 13 -10.25 3.62 36.90
N GLN A 14 -10.47 2.38 37.30
CA GLN A 14 -11.68 1.62 36.99
C GLN A 14 -12.91 2.52 37.16
N THR A 15 -12.96 3.19 38.31
CA THR A 15 -14.05 4.08 38.66
C THR A 15 -14.05 5.36 37.82
N ARG A 16 -12.89 5.77 37.35
CA ARG A 16 -12.79 6.99 36.56
C ARG A 16 -13.27 6.80 35.11
N ARG A 17 -12.97 5.64 34.55
CA ARG A 17 -13.35 5.31 33.18
C ARG A 17 -14.85 5.06 33.10
N ILE A 18 -15.48 5.02 34.26
CA ILE A 18 -16.92 4.82 34.36
C ILE A 18 -17.56 6.22 34.44
N LEU A 19 -16.95 7.09 35.23
CA LEU A 19 -17.45 8.46 35.38
C LEU A 19 -17.38 9.22 34.05
N ILE A 20 -16.31 9.01 33.29
CA ILE A 20 -16.16 9.69 32.01
C ILE A 20 -17.08 9.02 30.98
N GLU A 21 -17.14 7.69 31.04
CA GLU A 21 -17.96 6.95 30.12
C GLU A 21 -19.41 7.46 30.21
N ASN A 22 -19.95 7.51 31.41
CA ASN A 22 -21.31 7.98 31.62
C ASN A 22 -21.38 9.50 31.56
N ASN A 23 -20.30 10.11 31.05
CA ASN A 23 -20.24 11.56 30.89
C ASN A 23 -20.53 12.37 32.16
N LEU A 24 -20.31 11.76 33.31
CA LEU A 24 -20.55 12.43 34.60
C LEU A 24 -19.29 12.99 35.26
N LEU A 25 -18.17 12.99 34.54
CA LEU A 25 -16.93 13.54 35.09
C LEU A 25 -16.72 15.01 34.73
N ASN A 26 -16.66 15.85 35.76
CA ASN A 26 -16.41 17.26 35.58
C ASN A 26 -14.93 17.29 35.25
N LYS A 27 -14.59 17.55 33.99
CA LYS A 27 -13.19 17.57 33.62
C LYS A 27 -12.52 18.95 33.71
N ASP A 28 -13.14 19.88 34.42
CA ASP A 28 -12.54 21.20 34.57
C ASP A 28 -11.77 21.39 35.88
N TYR A 29 -11.58 20.30 36.62
CA TYR A 29 -10.84 20.34 37.89
C TYR A 29 -9.95 19.09 37.94
N LYS A 30 -8.87 19.15 38.72
CA LYS A 30 -7.96 18.01 38.79
C LYS A 30 -8.42 16.94 39.78
N ILE A 31 -7.91 15.74 39.57
CA ILE A 31 -8.22 14.64 40.46
C ILE A 31 -7.21 14.85 41.58
N THR A 32 -7.50 14.34 42.77
CA THR A 32 -6.59 14.49 43.91
C THR A 32 -6.63 13.29 44.87
N SER A 33 -5.58 13.14 45.67
CA SER A 33 -5.51 12.04 46.63
C SER A 33 -4.91 12.51 47.95
N GLU A 34 -5.50 12.04 49.05
CA GLU A 34 -5.09 12.39 50.42
C GLU A 34 -4.97 11.09 51.21
N GLY A 35 -3.79 10.48 51.19
CA GLY A 35 -3.62 9.22 51.90
C GLY A 35 -4.04 8.05 51.01
N ASN A 36 -5.05 7.31 51.42
CA ASN A 36 -5.51 6.16 50.62
C ASN A 36 -6.85 6.43 49.95
N TYR A 37 -7.25 7.69 49.94
CA TYR A 37 -8.51 8.09 49.32
C TYR A 37 -8.29 8.76 47.97
N LEU A 38 -9.29 8.65 47.09
CA LEU A 38 -9.20 9.29 45.78
C LEU A 38 -10.41 10.22 45.63
N TYR A 39 -10.14 11.45 45.25
CA TYR A 39 -11.21 12.44 45.09
C TYR A 39 -11.47 12.82 43.63
N LEU A 40 -12.41 12.13 43.01
CA LEU A 40 -12.76 12.40 41.61
C LEU A 40 -13.84 13.46 41.54
N PRO A 41 -13.59 14.56 40.83
CA PRO A 41 -14.66 15.56 40.78
C PRO A 41 -15.70 15.18 39.73
N ILE A 42 -16.89 14.82 40.20
CA ILE A 42 -18.00 14.43 39.35
C ILE A 42 -18.89 15.65 39.07
N LYS A 43 -19.81 15.53 38.13
CA LYS A 43 -20.72 16.62 37.78
C LYS A 43 -21.76 16.80 38.89
N ASP A 44 -22.85 16.04 38.84
CA ASP A 44 -23.88 16.14 39.86
C ASP A 44 -25.07 15.26 39.52
N VAL A 45 -25.60 14.60 40.53
CA VAL A 45 -26.75 13.69 40.42
C VAL A 45 -26.81 12.85 41.69
N ASP A 46 -27.96 12.86 42.37
CA ASP A 46 -28.11 12.09 43.60
C ASP A 46 -27.29 10.81 43.56
N GLU A 47 -26.61 10.52 44.66
CA GLU A 47 -25.79 9.33 44.72
C GLU A 47 -26.63 8.07 44.64
N ASP A 48 -27.88 8.21 44.22
CA ASP A 48 -28.77 7.07 44.07
C ASP A 48 -28.59 6.44 42.71
N ILE A 49 -28.28 7.24 41.70
CA ILE A 49 -28.04 6.72 40.37
C ILE A 49 -26.54 6.46 40.26
N LEU A 50 -25.78 7.06 41.19
CA LEU A 50 -24.34 6.86 41.23
C LEU A 50 -24.10 5.58 42.00
N LYS A 51 -24.99 5.30 42.94
CA LYS A 51 -24.88 4.08 43.75
C LYS A 51 -25.30 2.90 42.90
N SER A 52 -25.73 3.19 41.68
CA SER A 52 -26.16 2.15 40.76
C SER A 52 -25.25 1.96 39.56
N ILE A 53 -24.70 3.04 39.02
CA ILE A 53 -23.81 2.93 37.87
C ILE A 53 -22.49 2.22 38.21
N LEU A 54 -22.29 1.98 39.50
CA LEU A 54 -21.10 1.28 39.98
C LEU A 54 -21.53 0.43 41.17
N ASN A 55 -20.62 -0.38 41.70
CA ASN A 55 -20.99 -1.24 42.81
C ASN A 55 -20.16 -1.08 44.07
N ILE A 56 -19.08 -0.32 43.98
CA ILE A 56 -18.23 -0.08 45.13
C ILE A 56 -18.86 1.03 45.96
N GLU A 57 -18.59 1.06 47.26
CA GLU A 57 -19.17 2.12 48.10
C GLU A 57 -18.33 3.37 47.92
N PHE A 58 -18.78 4.47 48.52
CA PHE A 58 -18.06 5.73 48.39
C PHE A 58 -18.72 6.78 49.27
N GLU A 59 -18.67 8.01 48.82
CA GLU A 59 -19.29 9.12 49.51
C GLU A 59 -19.20 10.34 48.62
N LEU A 60 -19.98 11.36 48.95
CA LEU A 60 -19.98 12.59 48.16
C LEU A 60 -19.48 13.76 48.98
N VAL A 61 -18.18 13.98 48.93
CA VAL A 61 -17.55 15.07 49.65
C VAL A 61 -17.45 16.28 48.73
N ASP A 62 -17.93 17.42 49.20
CA ASP A 62 -17.90 18.64 48.41
C ASP A 62 -16.71 19.48 48.85
N LYS A 63 -15.70 19.53 47.99
CA LYS A 63 -14.45 20.25 48.27
C LYS A 63 -14.24 21.51 47.41
N GLU A 64 -13.30 22.35 47.84
CA GLU A 64 -12.98 23.60 47.14
C GLU A 64 -12.36 23.43 45.75
N LEU A 65 -11.91 24.55 45.18
CA LEU A 65 -11.31 24.58 43.84
C LEU A 65 -9.79 24.36 43.81
N GLU A 66 -9.35 23.31 43.11
CA GLU A 66 -7.93 22.99 42.98
C GLU A 66 -7.41 23.43 41.61
N GLU A 67 -8.28 24.12 40.87
CA GLU A 67 -7.99 24.66 39.54
C GLU A 67 -7.29 23.73 38.56
N LYS A 68 -7.65 23.83 37.29
CA LYS A 68 -7.03 23.01 36.26
C LYS A 68 -6.46 23.88 35.14
N LYS A 69 -5.17 23.67 34.86
CA LYS A 69 -4.46 24.41 33.83
C LYS A 69 -5.08 24.17 32.46
N ILE A 70 -5.10 25.20 31.64
CA ILE A 70 -5.65 25.07 30.30
C ILE A 70 -4.66 24.22 29.50
N ILE A 71 -5.15 23.11 28.98
CA ILE A 71 -4.33 22.18 28.20
C ILE A 71 -3.80 22.75 26.88
N LYS A 72 -4.63 22.69 25.84
CA LYS A 72 -4.24 23.17 24.53
C LYS A 72 -4.57 24.63 24.30
N LYS A 73 -3.89 25.21 23.32
CA LYS A 73 -4.12 26.59 22.93
C LYS A 73 -5.08 26.40 21.77
N PRO A 74 -5.87 27.43 21.42
CA PRO A 74 -6.78 27.21 20.29
C PRO A 74 -5.99 27.16 18.99
N SER A 75 -6.67 26.96 17.87
CA SER A 75 -6.01 26.91 16.56
C SER A 75 -5.98 28.26 15.84
N PHE A 76 -5.02 28.44 14.95
CA PHE A 76 -4.92 29.68 14.17
C PHE A 76 -6.23 29.77 13.37
N ARG A 77 -6.59 28.67 12.71
CA ARG A 77 -7.82 28.61 11.95
C ARG A 77 -8.99 28.89 12.86
N GLU A 78 -8.98 28.26 14.03
CA GLU A 78 -10.04 28.44 15.00
C GLU A 78 -10.23 29.89 15.42
N ILE A 79 -9.13 30.61 15.57
CA ILE A 79 -9.29 31.99 16.01
C ILE A 79 -9.51 33.02 14.94
N ILE A 80 -8.73 32.99 13.87
CA ILE A 80 -8.90 33.98 12.82
C ILE A 80 -10.35 34.02 12.27
N SER A 81 -10.99 32.87 12.21
CA SER A 81 -12.36 32.83 11.71
C SER A 81 -13.38 33.49 12.66
N LYS A 82 -13.04 33.57 13.94
CA LYS A 82 -13.90 34.17 14.96
C LYS A 82 -13.61 35.67 15.10
N LYS A 83 -12.34 36.03 14.99
CA LYS A 83 -11.93 37.42 15.08
C LYS A 83 -12.06 38.16 13.76
N TYR A 84 -11.75 37.51 12.64
CA TYR A 84 -11.84 38.18 11.35
C TYR A 84 -12.90 37.66 10.37
N ARG A 85 -13.98 37.09 10.91
CA ARG A 85 -15.02 36.54 10.04
C ARG A 85 -15.37 37.37 8.81
N LYS A 86 -15.49 38.69 8.97
CA LYS A 86 -15.82 39.56 7.86
C LYS A 86 -14.86 39.38 6.68
N GLU A 87 -13.58 39.66 6.91
CA GLU A 87 -12.56 39.54 5.88
C GLU A 87 -12.40 38.12 5.34
N ILE A 88 -12.83 37.13 6.12
CA ILE A 88 -12.74 35.77 5.61
C ILE A 88 -13.87 35.63 4.62
N ASP A 89 -15.05 36.12 4.99
CA ASP A 89 -16.18 36.06 4.09
C ASP A 89 -15.92 36.93 2.87
N GLU A 90 -14.81 37.64 2.88
CA GLU A 90 -14.46 38.51 1.75
C GLU A 90 -13.28 37.89 1.01
N GLY A 91 -12.81 36.74 1.49
CA GLY A 91 -11.67 36.08 0.87
C GLY A 91 -10.49 37.03 0.87
N LEU A 92 -10.19 37.62 2.03
CA LEU A 92 -9.09 38.56 2.19
C LEU A 92 -8.04 38.10 3.19
N ILE A 93 -8.21 36.85 3.67
CA ILE A 93 -7.31 36.21 4.65
C ILE A 93 -7.45 34.70 4.50
N SER A 94 -6.32 33.99 4.53
CA SER A 94 -6.36 32.55 4.41
C SER A 94 -6.24 31.88 5.76
N LEU A 95 -7.03 30.83 5.97
CA LEU A 95 -7.01 30.08 7.22
C LEU A 95 -5.94 29.02 7.06
N SER A 96 -5.34 29.02 5.87
CA SER A 96 -4.29 28.08 5.54
C SER A 96 -2.98 28.84 5.48
N TYR A 97 -1.90 28.15 5.81
CA TYR A 97 -0.57 28.74 5.81
C TYR A 97 0.35 27.56 5.72
N ASP A 98 1.58 27.75 5.28
CA ASP A 98 2.48 26.62 5.30
C ASP A 98 3.68 26.97 6.19
N VAL A 99 4.44 25.95 6.59
CA VAL A 99 5.58 26.18 7.46
C VAL A 99 6.85 25.60 6.87
N VAL A 100 7.79 26.46 6.53
CA VAL A 100 9.04 25.95 6.01
C VAL A 100 10.03 26.02 7.15
N GLY A 101 10.47 24.88 7.66
CA GLY A 101 11.40 24.90 8.76
C GLY A 101 10.67 25.40 9.98
N ASP A 102 11.11 26.53 10.51
CA ASP A 102 10.49 27.13 11.70
C ASP A 102 9.96 28.52 11.40
N LEU A 103 9.63 28.75 10.13
CA LEU A 103 9.06 30.02 9.70
C LEU A 103 7.69 29.73 9.14
N VAL A 104 6.77 30.67 9.28
CA VAL A 104 5.44 30.46 8.74
C VAL A 104 5.14 31.55 7.71
N ILE A 105 4.30 31.17 6.75
CA ILE A 105 3.94 32.07 5.69
C ILE A 105 2.41 32.07 5.52
N LEU A 106 1.81 33.25 5.72
CA LEU A 106 0.36 33.38 5.63
C LEU A 106 -0.02 34.14 4.37
N GLN A 107 -1.31 34.06 4.02
CA GLN A 107 -1.84 34.79 2.88
C GLN A 107 -2.85 35.82 3.37
N ILE A 108 -2.49 37.08 3.23
CA ILE A 108 -3.35 38.18 3.63
C ILE A 108 -3.37 39.18 2.50
N SER A 109 -4.58 39.57 2.08
CA SER A 109 -4.77 40.51 0.98
C SER A 109 -4.26 41.93 1.24
N ASP A 110 -3.87 42.59 0.15
CA ASP A 110 -3.39 43.97 0.25
C ASP A 110 -4.37 44.92 0.95
N GLU A 111 -5.69 44.74 0.77
CA GLU A 111 -6.66 45.61 1.41
C GLU A 111 -6.46 45.69 2.90
N VAL A 112 -6.23 44.53 3.52
CA VAL A 112 -6.05 44.52 4.96
C VAL A 112 -4.98 45.47 5.42
N ASP A 113 -5.39 46.48 6.18
CA ASP A 113 -4.48 47.49 6.72
C ASP A 113 -3.19 46.89 7.29
N GLU A 114 -2.10 47.58 7.01
CA GLU A 114 -0.78 47.22 7.48
C GLU A 114 -0.78 46.94 8.98
N LYS A 115 -1.63 47.63 9.72
CA LYS A 115 -1.63 47.42 11.17
C LYS A 115 -2.36 46.15 11.58
N ILE A 116 -3.26 45.66 10.75
CA ILE A 116 -3.97 44.44 11.11
C ILE A 116 -3.21 43.21 10.63
N ARG A 117 -2.43 43.35 9.56
CA ARG A 117 -1.65 42.23 9.05
C ARG A 117 -0.70 41.83 10.17
N LYS A 118 -0.13 42.83 10.82
CA LYS A 118 0.81 42.61 11.91
C LYS A 118 0.08 41.98 13.11
N GLU A 119 -1.16 42.36 13.31
CA GLU A 119 -1.89 41.80 14.42
C GLU A 119 -2.18 40.35 14.12
N ILE A 120 -2.39 40.03 12.84
CA ILE A 120 -2.62 38.63 12.45
C ILE A 120 -1.29 37.86 12.54
N GLY A 121 -0.22 38.46 12.01
CA GLY A 121 1.08 37.82 12.09
C GLY A 121 1.43 37.59 13.55
N GLU A 122 1.15 38.60 14.38
CA GLU A 122 1.44 38.49 15.79
C GLU A 122 0.51 37.49 16.46
N LEU A 123 -0.57 37.14 15.78
CA LEU A 123 -1.52 36.22 16.35
C LEU A 123 -1.21 34.80 15.89
N ALA A 124 -0.38 34.69 14.86
CA ALA A 124 0.00 33.39 14.35
C ALA A 124 1.33 33.05 15.01
N TYR A 125 2.06 34.08 15.39
CA TYR A 125 3.34 33.88 16.07
C TYR A 125 2.99 33.36 17.46
N LYS A 126 1.86 33.79 17.98
CA LYS A 126 1.48 33.34 19.30
C LYS A 126 0.87 31.95 19.26
N LEU A 127 0.04 31.70 18.25
CA LEU A 127 -0.67 30.42 18.10
C LEU A 127 -0.03 29.27 17.33
N ILE A 128 1.14 29.44 16.75
CA ILE A 128 1.78 28.36 15.98
C ILE A 128 3.26 28.17 16.32
N PRO A 129 3.69 26.91 16.52
CA PRO A 129 5.10 26.63 16.85
C PRO A 129 6.00 27.20 15.76
N CYS A 130 6.58 28.37 16.01
CA CYS A 130 7.45 28.98 15.03
C CYS A 130 8.25 30.07 15.68
N LYS A 131 9.13 30.69 14.88
CA LYS A 131 9.99 31.76 15.37
C LYS A 131 9.86 32.98 14.49
N GLY A 132 9.05 32.87 13.44
CA GLY A 132 8.86 33.98 12.52
C GLY A 132 7.59 33.83 11.70
N VAL A 133 7.02 34.94 11.26
CA VAL A 133 5.80 34.91 10.47
C VAL A 133 5.92 35.87 9.32
N PHE A 134 5.61 35.39 8.12
CA PHE A 134 5.69 36.21 6.93
C PHE A 134 4.37 36.20 6.20
N ARG A 135 4.36 36.80 5.01
CA ARG A 135 3.15 36.88 4.21
C ARG A 135 3.53 36.88 2.74
N ARG A 136 2.85 36.06 1.93
CA ARG A 136 3.12 36.01 0.49
C ARG A 136 2.83 37.40 -0.07
N LYS A 137 3.75 37.95 -0.86
CA LYS A 137 3.58 39.29 -1.44
C LYS A 137 3.40 39.28 -2.98
N SER A 138 3.64 38.12 -3.60
CA SER A 138 3.50 37.99 -5.06
C SER A 138 3.35 36.52 -5.42
N GLU A 139 3.20 36.25 -6.71
CA GLU A 139 3.11 34.87 -7.14
C GLU A 139 4.54 34.42 -7.36
N VAL A 140 4.73 33.17 -7.78
CA VAL A 140 6.07 32.68 -8.02
C VAL A 140 6.53 33.34 -9.30
N LYS A 141 7.44 34.31 -9.17
CA LYS A 141 7.94 35.04 -10.32
C LYS A 141 9.12 34.41 -11.02
N GLY A 142 8.87 34.04 -12.27
CA GLY A 142 9.80 33.37 -13.17
C GLY A 142 11.27 33.34 -12.86
N GLU A 143 12.01 32.66 -13.74
CA GLU A 143 13.47 32.55 -13.62
C GLU A 143 13.85 31.60 -12.49
N PHE A 144 14.27 32.15 -11.36
CA PHE A 144 14.66 31.35 -10.21
C PHE A 144 13.44 30.84 -9.45
N ARG A 145 12.25 31.21 -9.91
CA ARG A 145 11.02 30.78 -9.25
C ARG A 145 11.03 31.26 -7.80
N VAL A 146 11.23 32.55 -7.61
CA VAL A 146 11.23 33.13 -6.26
C VAL A 146 9.91 33.86 -6.00
N ARG A 147 9.61 34.07 -4.73
CA ARG A 147 8.37 34.74 -4.35
C ARG A 147 8.66 35.82 -3.31
N GLU A 148 8.26 37.06 -3.61
CA GLU A 148 8.45 38.19 -2.71
C GLU A 148 7.65 37.99 -1.43
N LEU A 149 8.27 38.30 -0.30
CA LEU A 149 7.64 38.16 1.00
C LEU A 149 7.50 39.48 1.74
N GLU A 150 7.00 39.41 2.98
CA GLU A 150 6.86 40.56 3.88
C GLU A 150 6.83 40.05 5.31
N HIS A 151 7.73 40.57 6.14
CA HIS A 151 7.83 40.19 7.55
C HIS A 151 6.60 40.71 8.28
N LEU A 152 6.13 40.00 9.30
CA LEU A 152 4.96 40.43 10.05
C LEU A 152 5.17 40.28 11.55
N ALA A 153 5.98 39.32 11.94
CA ALA A 153 6.20 39.09 13.35
C ALA A 153 7.42 38.23 13.54
N GLY A 154 7.87 38.12 14.80
CA GLY A 154 9.03 37.33 15.13
C GLY A 154 10.35 37.71 14.47
N GLU A 155 11.27 36.74 14.48
CA GLU A 155 12.61 36.85 13.92
C GLU A 155 12.46 37.26 12.44
N ASN A 156 13.28 38.20 11.97
CA ASN A 156 13.19 38.65 10.59
C ASN A 156 14.23 38.02 9.65
N ARG A 157 14.54 36.75 9.89
CA ARG A 157 15.51 36.02 9.06
C ARG A 157 14.73 35.05 8.15
N THR A 158 15.17 34.91 6.90
CA THR A 158 14.49 34.02 5.96
C THR A 158 15.18 32.65 5.80
N LEU A 159 16.20 32.40 6.61
CA LEU A 159 16.97 31.14 6.58
C LEU A 159 16.40 30.22 7.64
N THR A 160 16.51 28.92 7.42
CA THR A 160 15.95 27.93 8.37
C THR A 160 16.26 26.50 7.93
N ILE A 161 15.94 25.52 8.78
CA ILE A 161 16.18 24.12 8.45
C ILE A 161 14.95 23.23 8.53
N HIS A 162 14.36 22.96 7.36
CA HIS A 162 13.19 22.10 7.23
C HIS A 162 13.60 20.62 7.35
N LYS A 163 12.80 19.80 8.01
CA LYS A 163 13.11 18.37 8.13
C LYS A 163 11.99 17.51 7.53
N GLU A 164 12.25 16.81 6.43
CA GLU A 164 11.19 15.96 5.87
C GLU A 164 11.73 14.61 5.46
N ASN A 165 10.85 13.60 5.50
CA ASN A 165 11.17 12.21 5.17
C ASN A 165 12.58 11.76 5.60
N GLY A 166 12.86 11.81 6.90
CA GLY A 166 14.16 11.37 7.38
C GLY A 166 15.39 12.21 7.07
N TYR A 167 15.26 13.31 6.33
CA TYR A 167 16.44 14.15 6.05
C TYR A 167 16.15 15.60 6.37
N ARG A 168 17.20 16.39 6.56
CA ARG A 168 17.08 17.80 6.88
C ARG A 168 17.57 18.58 5.68
N LEU A 169 17.14 19.85 5.55
CA LEU A 169 17.51 20.72 4.42
C LEU A 169 17.54 22.22 4.77
N TRP A 170 18.57 22.92 4.30
CA TRP A 170 18.72 24.36 4.49
C TRP A 170 17.88 25.04 3.42
N VAL A 171 17.08 26.02 3.82
CA VAL A 171 16.22 26.70 2.88
C VAL A 171 16.19 28.19 3.14
N ASP A 172 16.08 28.98 2.08
CA ASP A 172 15.98 30.43 2.20
C ASP A 172 14.70 30.78 1.45
N ILE A 173 13.64 31.01 2.20
CA ILE A 173 12.37 31.29 1.59
C ILE A 173 12.33 32.61 0.81
N ALA A 174 13.44 33.35 0.83
CA ALA A 174 13.50 34.64 0.16
C ALA A 174 14.16 34.72 -1.21
N LYS A 175 15.12 33.83 -1.47
CA LYS A 175 15.84 33.82 -2.76
C LYS A 175 15.81 32.49 -3.51
N VAL A 176 15.13 31.49 -2.94
CA VAL A 176 15.02 30.17 -3.57
C VAL A 176 13.64 29.57 -3.40
N TYR A 177 13.19 28.81 -4.39
CA TYR A 177 11.88 28.16 -4.34
C TYR A 177 11.97 26.90 -3.51
N PHE A 178 10.94 26.65 -2.71
CA PHE A 178 10.86 25.45 -1.91
C PHE A 178 9.45 25.27 -1.43
N SER A 179 8.91 24.06 -1.48
CA SER A 179 7.54 23.87 -1.03
C SER A 179 7.45 22.74 0.01
N PRO A 180 7.12 23.07 1.26
CA PRO A 180 7.05 22.00 2.23
C PRO A 180 5.89 21.02 1.95
N ARG A 181 4.99 21.39 1.04
CA ARG A 181 3.87 20.52 0.73
C ARG A 181 4.19 19.43 -0.29
N LEU A 182 5.39 19.48 -0.86
CA LEU A 182 5.79 18.49 -1.84
C LEU A 182 6.55 17.31 -1.25
N GLY A 183 6.51 17.15 0.08
CA GLY A 183 7.20 16.02 0.66
C GLY A 183 6.55 14.71 0.24
N GLY A 184 5.24 14.72 0.06
CA GLY A 184 4.55 13.52 -0.34
C GLY A 184 5.04 13.08 -1.70
N GLU A 185 5.24 14.04 -2.58
CA GLU A 185 5.71 13.75 -3.91
C GLU A 185 7.16 13.23 -3.84
N ARG A 186 7.94 13.68 -2.88
CA ARG A 186 9.30 13.17 -2.78
C ARG A 186 9.31 11.75 -2.23
N ALA A 187 8.37 11.43 -1.35
CA ALA A 187 8.29 10.07 -0.80
C ALA A 187 7.98 9.14 -1.98
N ARG A 188 7.04 9.57 -2.82
CA ARG A 188 6.63 8.85 -4.02
C ARG A 188 7.91 8.48 -4.80
N ILE A 189 8.67 9.50 -5.17
CA ILE A 189 9.92 9.30 -5.91
C ILE A 189 10.91 8.44 -5.14
N MET A 190 10.98 8.66 -3.82
CA MET A 190 11.90 7.91 -2.96
C MET A 190 11.78 6.39 -3.13
N LYS A 191 10.57 5.90 -3.29
CA LYS A 191 10.35 4.48 -3.46
C LYS A 191 10.71 3.97 -4.86
N LYS A 192 10.48 4.78 -5.88
CA LYS A 192 10.75 4.37 -7.26
C LYS A 192 12.24 4.23 -7.60
N VAL A 193 13.09 5.00 -6.92
CA VAL A 193 14.54 4.97 -7.18
C VAL A 193 15.14 3.57 -6.96
N SER A 194 16.28 3.29 -7.59
CA SER A 194 16.93 1.98 -7.46
C SER A 194 18.40 2.10 -7.11
N LEU A 195 18.94 1.05 -6.53
CA LEU A 195 20.35 1.04 -6.14
C LEU A 195 21.28 1.24 -7.35
N ASN A 196 20.79 0.97 -8.55
CA ASN A 196 21.66 1.13 -9.72
C ASN A 196 21.40 2.38 -10.56
N ASP A 197 20.29 3.06 -10.31
CA ASP A 197 19.94 4.27 -11.07
C ASP A 197 20.97 5.40 -10.97
N VAL A 198 21.06 6.21 -12.02
CA VAL A 198 21.89 7.41 -12.06
C VAL A 198 20.85 8.50 -12.30
N VAL A 199 20.69 9.39 -11.31
CA VAL A 199 19.66 10.44 -11.36
C VAL A 199 20.08 11.87 -11.66
N VAL A 200 19.48 12.43 -12.70
CA VAL A 200 19.74 13.81 -13.10
C VAL A 200 18.58 14.71 -12.70
N ASP A 201 18.80 15.53 -11.67
CA ASP A 201 17.76 16.45 -11.20
C ASP A 201 17.97 17.77 -11.95
N MET A 202 17.34 17.90 -13.11
CA MET A 202 17.47 19.07 -14.00
C MET A 202 17.31 20.46 -13.40
N PHE A 203 16.45 20.62 -12.40
CA PHE A 203 16.23 21.92 -11.76
C PHE A 203 16.17 21.59 -10.28
N ALA A 204 17.32 21.37 -9.64
CA ALA A 204 17.32 20.93 -8.24
C ALA A 204 17.10 21.89 -7.08
N GLY A 205 16.93 23.18 -7.33
CA GLY A 205 16.73 24.10 -6.24
C GLY A 205 17.77 23.87 -5.16
N VAL A 206 17.32 23.63 -3.92
CA VAL A 206 18.22 23.39 -2.80
C VAL A 206 18.49 21.88 -2.59
N GLY A 207 17.90 21.07 -3.47
CA GLY A 207 18.13 19.63 -3.41
C GLY A 207 17.12 18.70 -2.77
N PRO A 208 15.91 19.14 -2.46
CA PRO A 208 14.98 18.18 -1.85
C PRO A 208 14.77 16.89 -2.66
N PHE A 209 14.66 16.98 -3.98
CA PHE A 209 14.47 15.77 -4.79
C PHE A 209 15.75 14.94 -4.85
N SER A 210 16.89 15.60 -4.96
CA SER A 210 18.15 14.89 -5.04
C SER A 210 18.38 14.05 -3.78
N ILE A 211 18.39 14.70 -2.63
CA ILE A 211 18.58 13.99 -1.38
C ILE A 211 17.54 12.87 -1.25
N ALA A 212 16.33 13.12 -1.74
CA ALA A 212 15.28 12.12 -1.65
C ALA A 212 15.62 10.84 -2.41
N CYS A 213 16.54 10.93 -3.36
CA CYS A 213 16.94 9.77 -4.14
C CYS A 213 18.28 9.18 -3.65
N LYS A 214 18.54 9.27 -2.34
CA LYS A 214 19.78 8.79 -1.77
C LYS A 214 20.09 7.30 -2.01
N ASN A 215 19.14 6.54 -2.53
CA ASN A 215 19.36 5.13 -2.80
C ASN A 215 20.08 4.84 -4.12
N ALA A 216 20.37 5.87 -4.90
CA ALA A 216 21.02 5.65 -6.18
C ALA A 216 22.55 5.76 -6.19
N LYS A 217 23.15 5.27 -7.26
CA LYS A 217 24.60 5.31 -7.45
C LYS A 217 25.11 6.77 -7.43
N LYS A 218 24.98 7.48 -8.54
CA LYS A 218 25.40 8.89 -8.58
C LYS A 218 24.16 9.77 -8.79
N ILE A 219 24.30 11.05 -8.51
CA ILE A 219 23.18 11.99 -8.66
C ILE A 219 23.68 13.36 -9.10
N TYR A 220 23.15 13.88 -10.19
CA TYR A 220 23.56 15.20 -10.63
C TYR A 220 22.45 16.20 -10.29
N ALA A 221 22.84 17.27 -9.59
CA ALA A 221 21.93 18.31 -9.18
C ALA A 221 22.23 19.60 -9.92
N ILE A 222 21.40 19.93 -10.89
CA ILE A 222 21.64 21.11 -11.67
C ILE A 222 20.67 22.24 -11.37
N ASP A 223 21.20 23.46 -11.33
CA ASP A 223 20.40 24.63 -11.08
C ASP A 223 21.16 25.87 -11.55
N ILE A 224 20.40 26.82 -12.10
CA ILE A 224 20.94 28.07 -12.63
C ILE A 224 21.01 29.16 -11.56
N ASN A 225 20.30 28.97 -10.45
CA ASN A 225 20.28 29.95 -9.38
C ASN A 225 21.50 29.80 -8.49
N PRO A 226 22.39 30.81 -8.47
CA PRO A 226 23.60 30.80 -7.64
C PRO A 226 23.29 30.66 -6.16
N HIS A 227 22.15 31.20 -5.73
CA HIS A 227 21.79 31.10 -4.33
C HIS A 227 21.31 29.71 -4.01
N ALA A 228 20.82 29.00 -5.03
CA ALA A 228 20.34 27.63 -4.87
C ALA A 228 21.51 26.69 -4.52
N ILE A 229 22.49 26.63 -5.41
CA ILE A 229 23.69 25.82 -5.24
C ILE A 229 24.33 25.93 -3.85
N GLU A 230 24.54 27.15 -3.37
CA GLU A 230 25.10 27.35 -2.05
C GLU A 230 24.41 26.40 -1.05
N LEU A 231 23.12 26.60 -0.86
CA LEU A 231 22.33 25.78 0.06
C LEU A 231 22.47 24.31 -0.31
N LEU A 232 22.39 24.00 -1.62
CA LEU A 232 22.50 22.64 -2.14
C LEU A 232 23.76 21.96 -1.63
N LYS A 233 24.89 22.66 -1.78
CA LYS A 233 26.17 22.14 -1.31
C LYS A 233 26.05 21.84 0.19
N LYS A 234 25.58 22.83 0.94
CA LYS A 234 25.42 22.65 2.38
C LYS A 234 24.48 21.47 2.63
N ASN A 235 23.45 21.35 1.81
CA ASN A 235 22.50 20.26 1.99
C ASN A 235 23.19 18.91 1.76
N ILE A 236 24.10 18.86 0.79
CA ILE A 236 24.81 17.64 0.49
C ILE A 236 25.68 17.18 1.67
N LYS A 237 26.47 18.11 2.22
CA LYS A 237 27.34 17.76 3.35
C LYS A 237 26.56 17.47 4.62
N LEU A 238 25.48 18.22 4.84
CA LEU A 238 24.65 18.01 6.02
C LEU A 238 24.00 16.63 6.04
N ASN A 239 23.88 16.02 4.87
CA ASN A 239 23.24 14.70 4.77
C ASN A 239 24.18 13.55 4.45
N LYS A 240 25.49 13.83 4.50
CA LYS A 240 26.50 12.81 4.23
C LYS A 240 26.24 12.14 2.89
N LEU A 241 26.40 12.91 1.81
CA LEU A 241 26.17 12.42 0.46
C LEU A 241 27.13 13.10 -0.52
N GLU A 242 28.30 13.49 -0.04
CA GLU A 242 29.29 14.19 -0.86
C GLU A 242 29.81 13.41 -2.05
N HIS A 243 30.16 12.14 -1.84
CA HIS A 243 30.68 11.33 -2.93
C HIS A 243 29.53 10.63 -3.65
N LYS A 244 28.40 11.32 -3.70
CA LYS A 244 27.21 10.78 -4.33
C LYS A 244 26.44 11.83 -5.13
N ILE A 245 26.22 12.99 -4.54
CA ILE A 245 25.50 14.04 -5.23
C ILE A 245 26.48 15.09 -5.73
N ILE A 246 26.45 15.33 -7.04
CA ILE A 246 27.34 16.29 -7.65
C ILE A 246 26.56 17.53 -8.09
N PRO A 247 26.81 18.66 -7.41
CA PRO A 247 26.14 19.92 -7.70
C PRO A 247 26.82 20.57 -8.90
N ILE A 248 26.04 21.26 -9.71
CA ILE A 248 26.56 21.91 -10.90
C ILE A 248 25.80 23.21 -11.09
N LEU A 249 26.53 24.30 -11.27
CA LEU A 249 25.91 25.59 -11.47
C LEU A 249 25.84 25.88 -12.96
N SER A 250 24.62 25.83 -13.52
CA SER A 250 24.45 26.08 -14.95
C SER A 250 23.05 25.96 -15.49
N ASP A 251 22.92 26.36 -16.75
CA ASP A 251 21.66 26.23 -17.46
C ASP A 251 21.69 24.75 -17.84
N VAL A 252 20.77 23.98 -17.27
CA VAL A 252 20.68 22.56 -17.54
C VAL A 252 20.87 22.23 -19.02
N ARG A 253 20.49 23.13 -19.92
CA ARG A 253 20.66 22.86 -21.36
C ARG A 253 22.14 22.73 -21.73
N GLU A 254 23.00 23.45 -21.01
CA GLU A 254 24.43 23.41 -21.27
C GLU A 254 25.14 22.23 -20.61
N VAL A 255 24.41 21.43 -19.85
CA VAL A 255 25.05 20.30 -19.18
C VAL A 255 25.04 19.04 -20.00
N ASP A 256 26.22 18.45 -20.14
CA ASP A 256 26.37 17.20 -20.85
C ASP A 256 26.43 16.14 -19.76
N VAL A 257 25.27 15.56 -19.46
CA VAL A 257 25.16 14.51 -18.46
C VAL A 257 24.29 13.49 -19.11
N LYS A 258 24.22 12.33 -18.48
CA LYS A 258 23.45 11.23 -18.97
C LYS A 258 22.97 10.44 -17.76
N GLY A 259 21.74 9.98 -17.80
CA GLY A 259 21.22 9.22 -16.69
C GLY A 259 19.97 8.46 -17.11
N ASN A 260 19.52 7.57 -16.24
CA ASN A 260 18.33 6.77 -16.51
C ASN A 260 17.12 7.25 -15.73
N ARG A 261 17.33 8.14 -14.77
CA ARG A 261 16.21 8.74 -14.06
C ARG A 261 16.45 10.24 -14.11
N VAL A 262 15.50 10.97 -14.68
CA VAL A 262 15.59 12.42 -14.81
C VAL A 262 14.39 13.06 -14.17
N ILE A 263 14.61 14.07 -13.35
CA ILE A 263 13.48 14.74 -12.70
C ILE A 263 13.32 16.15 -13.27
N MET A 264 12.10 16.50 -13.63
CA MET A 264 11.82 17.79 -14.22
C MET A 264 10.92 18.63 -13.35
N ASN A 265 11.43 19.06 -12.22
CA ASN A 265 10.60 19.84 -11.33
C ASN A 265 10.54 21.32 -11.69
N LEU A 266 9.84 21.63 -12.80
CA LEU A 266 9.63 23.01 -13.28
C LEU A 266 8.28 22.99 -13.99
N PRO A 267 7.20 22.86 -13.23
CA PRO A 267 5.81 22.81 -13.67
C PRO A 267 5.34 23.69 -14.82
N LYS A 268 5.84 24.92 -14.93
CA LYS A 268 5.34 25.79 -15.98
C LYS A 268 6.14 25.80 -17.27
N PHE A 269 7.46 25.66 -17.16
CA PHE A 269 8.30 25.68 -18.34
C PHE A 269 8.85 24.29 -18.66
N ALA A 270 8.43 23.29 -17.91
CA ALA A 270 8.90 21.94 -18.12
C ALA A 270 8.73 21.59 -19.59
N HIS A 271 7.61 22.00 -20.19
CA HIS A 271 7.40 21.67 -21.60
C HIS A 271 8.49 22.19 -22.51
N LYS A 272 9.17 23.27 -22.11
CA LYS A 272 10.26 23.82 -22.92
C LYS A 272 11.60 23.11 -22.71
N PHE A 273 11.57 21.96 -22.05
CA PHE A 273 12.81 21.22 -21.80
C PHE A 273 12.70 19.74 -22.13
N ILE A 274 11.61 19.31 -22.74
CA ILE A 274 11.50 17.89 -23.07
C ILE A 274 12.71 17.45 -23.90
N ASP A 275 13.08 18.27 -24.90
CA ASP A 275 14.24 17.97 -25.76
C ASP A 275 15.50 17.66 -24.96
N LYS A 276 15.78 18.46 -23.95
CA LYS A 276 16.98 18.25 -23.18
C LYS A 276 16.87 17.02 -22.32
N ALA A 277 15.68 16.80 -21.80
CA ALA A 277 15.48 15.65 -20.94
C ALA A 277 15.66 14.32 -21.70
N LEU A 278 15.17 14.26 -22.94
CA LEU A 278 15.32 13.04 -23.74
C LEU A 278 16.77 12.88 -24.16
N ASP A 279 17.46 14.01 -24.32
CA ASP A 279 18.86 13.99 -24.72
C ASP A 279 19.68 13.54 -23.53
N ILE A 280 19.10 13.66 -22.34
CA ILE A 280 19.79 13.26 -21.13
C ILE A 280 19.54 11.80 -20.78
N VAL A 281 18.28 11.40 -20.73
CA VAL A 281 17.93 10.04 -20.35
C VAL A 281 18.39 8.89 -21.27
N GLU A 282 18.94 7.85 -20.67
CA GLU A 282 19.40 6.67 -21.40
C GLU A 282 18.13 5.94 -21.86
N GLU A 283 18.27 5.07 -22.86
CA GLU A 283 17.11 4.33 -23.33
C GLU A 283 16.66 3.39 -22.22
N GLY A 284 15.38 3.08 -22.17
CA GLY A 284 14.91 2.22 -21.11
C GLY A 284 14.67 3.03 -19.86
N GLY A 285 15.36 4.17 -19.76
CA GLY A 285 15.20 5.04 -18.61
C GLY A 285 13.82 5.65 -18.45
N VAL A 286 13.61 6.36 -17.34
CA VAL A 286 12.33 6.98 -17.03
C VAL A 286 12.46 8.48 -16.71
N ILE A 287 11.47 9.27 -17.15
CA ILE A 287 11.45 10.70 -16.93
C ILE A 287 10.29 11.19 -16.07
N HIS A 288 10.60 11.65 -14.86
CA HIS A 288 9.57 12.18 -13.98
C HIS A 288 9.28 13.58 -14.44
N TYR A 289 8.09 13.75 -14.99
CA TYR A 289 7.67 15.00 -15.58
C TYR A 289 6.56 15.68 -14.79
N TYR A 290 6.67 16.99 -14.60
CA TYR A 290 5.64 17.72 -13.88
C TYR A 290 5.11 18.82 -14.80
N THR A 291 3.83 19.13 -14.68
CA THR A 291 3.28 20.14 -15.54
C THR A 291 2.02 20.69 -14.93
N ILE A 292 1.36 21.56 -15.67
CA ILE A 292 0.13 22.22 -15.23
C ILE A 292 -0.93 22.03 -16.31
N GLY A 293 -2.10 21.56 -15.90
CA GLY A 293 -3.14 21.33 -16.88
C GLY A 293 -4.41 20.79 -16.26
N LYS A 294 -5.43 20.60 -17.07
CA LYS A 294 -6.68 20.07 -16.57
C LYS A 294 -6.79 18.57 -16.80
N ASP A 295 -5.92 18.03 -17.64
CA ASP A 295 -5.93 16.58 -17.92
C ASP A 295 -4.54 16.16 -18.42
N PHE A 296 -4.28 14.85 -18.44
CA PHE A 296 -2.99 14.34 -18.87
C PHE A 296 -2.79 14.31 -20.38
N ASP A 297 -3.90 14.28 -21.11
CA ASP A 297 -3.87 14.19 -22.56
C ASP A 297 -2.83 15.06 -23.28
N LYS A 298 -2.68 16.29 -22.87
CA LYS A 298 -1.74 17.19 -23.52
C LYS A 298 -0.28 16.84 -23.31
N ALA A 299 0.06 16.39 -22.12
CA ALA A 299 1.44 16.03 -21.84
C ALA A 299 1.79 14.74 -22.57
N ILE A 300 0.89 13.76 -22.48
CA ILE A 300 1.10 12.49 -23.16
C ILE A 300 1.34 12.75 -24.66
N LYS A 301 0.57 13.66 -25.24
CA LYS A 301 0.71 14.02 -26.65
C LYS A 301 2.10 14.55 -26.97
N LEU A 302 2.65 15.44 -26.14
CA LEU A 302 3.98 15.99 -26.41
C LEU A 302 5.00 14.90 -26.47
N PHE A 303 5.15 14.19 -25.37
CA PHE A 303 6.11 13.11 -25.31
C PHE A 303 5.98 12.14 -26.46
N GLU A 304 4.79 11.63 -26.71
CA GLU A 304 4.63 10.69 -27.80
C GLU A 304 5.08 11.25 -29.14
N LYS A 305 4.71 12.48 -29.44
CA LYS A 305 5.14 13.09 -30.70
C LYS A 305 6.65 13.31 -30.74
N LYS A 306 7.38 12.67 -29.83
CA LYS A 306 8.84 12.83 -29.75
C LYS A 306 9.67 11.58 -29.48
N CYS A 307 9.03 10.47 -29.13
CA CYS A 307 9.74 9.23 -28.83
C CYS A 307 8.75 8.11 -28.56
N ASP A 308 9.22 6.86 -28.59
CA ASP A 308 8.32 5.77 -28.25
C ASP A 308 8.46 5.75 -26.74
N CYS A 309 7.36 5.98 -26.05
CA CYS A 309 7.38 6.02 -24.61
C CYS A 309 6.16 5.33 -24.01
N GLU A 310 6.28 4.96 -22.74
CA GLU A 310 5.20 4.30 -22.04
C GLU A 310 4.93 5.11 -20.78
N VAL A 311 3.67 5.33 -20.47
CA VAL A 311 3.36 6.10 -19.26
C VAL A 311 3.27 5.15 -18.08
N LEU A 312 4.32 5.11 -17.26
CA LEU A 312 4.34 4.23 -16.11
C LEU A 312 3.22 4.58 -15.13
N GLU A 313 3.19 5.83 -14.69
CA GLU A 313 2.17 6.31 -13.76
C GLU A 313 1.83 7.74 -14.10
N LYS A 314 0.67 8.22 -13.67
CA LYS A 314 0.34 9.59 -13.95
C LYS A 314 -0.65 10.01 -12.89
N ARG A 315 -0.29 10.99 -12.07
CA ARG A 315 -1.22 11.41 -11.03
C ARG A 315 -1.32 12.91 -10.84
N ILE A 316 -2.30 13.33 -10.03
CA ILE A 316 -2.50 14.73 -9.71
C ILE A 316 -1.78 15.06 -8.40
N VAL A 317 -0.81 15.95 -8.49
CA VAL A 317 0.01 16.37 -7.36
C VAL A 317 -0.69 17.36 -6.40
N LYS A 318 -1.32 18.40 -6.95
CA LYS A 318 -1.96 19.41 -6.10
C LYS A 318 -2.74 20.36 -6.96
N SER A 319 -3.67 21.11 -6.36
CA SER A 319 -4.42 22.10 -7.13
C SER A 319 -3.50 23.26 -7.43
N TYR A 320 -3.50 23.74 -8.67
CA TYR A 320 -2.63 24.85 -9.02
C TYR A 320 -3.37 26.16 -9.04
N ALA A 321 -4.60 26.14 -9.52
CA ALA A 321 -5.37 27.35 -9.61
C ALA A 321 -6.81 26.95 -9.74
N PRO A 322 -7.72 27.93 -9.76
CA PRO A 322 -9.12 27.55 -9.92
C PRO A 322 -9.32 26.66 -11.13
N ARG A 323 -9.59 25.38 -10.90
CA ARG A 323 -9.85 24.43 -11.96
C ARG A 323 -8.63 23.97 -12.78
N GLU A 324 -7.43 24.24 -12.26
CA GLU A 324 -6.16 23.86 -12.91
C GLU A 324 -5.33 23.06 -11.90
N TYR A 325 -4.56 22.08 -12.37
CA TYR A 325 -3.75 21.25 -11.48
C TYR A 325 -2.30 21.05 -11.93
N ILE A 326 -1.45 20.67 -10.96
CA ILE A 326 -0.07 20.35 -11.28
C ILE A 326 -0.09 18.85 -11.47
N LEU A 327 0.39 18.40 -12.61
CA LEU A 327 0.35 17.00 -12.90
C LEU A 327 1.70 16.37 -12.94
N ALA A 328 1.75 15.09 -12.60
CA ALA A 328 3.00 14.35 -12.60
C ALA A 328 2.83 13.12 -13.47
N LEU A 329 3.76 12.93 -14.40
CA LEU A 329 3.72 11.77 -15.29
C LEU A 329 5.10 11.14 -15.33
N ASP A 330 5.16 9.83 -15.18
CA ASP A 330 6.43 9.12 -15.22
C ASP A 330 6.49 8.35 -16.54
N PHE A 331 7.25 8.88 -17.48
CA PHE A 331 7.40 8.26 -18.78
C PHE A 331 8.61 7.29 -18.88
N LYS A 332 8.41 6.10 -19.46
CA LYS A 332 9.54 5.20 -19.68
C LYS A 332 9.97 5.47 -21.10
N ILE A 333 11.19 5.97 -21.27
CA ILE A 333 11.72 6.29 -22.58
C ILE A 333 12.49 5.15 -23.24
N ASN A 334 11.83 4.39 -24.09
CA ASN A 334 12.58 3.34 -24.79
C ASN A 334 12.69 3.76 -26.25
N LYS A 335 13.93 3.93 -26.72
CA LYS A 335 14.17 4.34 -28.10
C LYS A 335 13.84 5.81 -28.43
N LYS A 336 14.90 6.58 -28.65
CA LYS A 336 14.88 8.01 -29.00
C LYS A 336 15.08 9.01 -27.87
N PRO B 2 7.64 -51.22 -34.77
CA PRO B 2 9.09 -51.01 -34.52
C PRO B 2 9.63 -52.28 -33.88
N LEU B 3 10.69 -52.11 -33.09
CA LEU B 3 11.27 -53.24 -32.38
C LEU B 3 10.26 -53.49 -31.25
N CYS B 4 9.78 -54.72 -31.14
CA CYS B 4 8.82 -55.03 -30.10
C CYS B 4 9.08 -56.32 -29.38
N LEU B 5 8.89 -56.30 -28.07
CA LEU B 5 9.09 -57.49 -27.27
C LEU B 5 7.78 -58.23 -27.36
N LYS B 6 7.76 -59.36 -28.05
CA LYS B 6 6.53 -60.12 -28.17
C LYS B 6 6.40 -61.09 -27.01
N ILE B 7 5.24 -61.10 -26.36
CA ILE B 7 5.03 -61.99 -25.23
C ILE B 7 3.58 -62.38 -25.06
N ASN B 8 3.33 -63.33 -24.16
CA ASN B 8 2.00 -63.80 -23.86
C ASN B 8 1.28 -62.73 -23.04
N LYS B 9 0.29 -62.08 -23.64
CA LYS B 9 -0.50 -61.02 -22.99
C LYS B 9 -0.66 -61.28 -21.49
N LYS B 10 -0.87 -62.53 -21.13
CA LYS B 10 -1.03 -62.90 -19.73
C LYS B 10 0.01 -62.26 -18.77
N HIS B 11 1.21 -61.95 -19.28
CA HIS B 11 2.28 -61.35 -18.47
C HIS B 11 2.38 -59.86 -18.75
N GLY B 12 1.68 -59.43 -19.80
CA GLY B 12 1.67 -58.04 -20.22
C GLY B 12 1.93 -56.96 -19.19
N GLU B 13 1.02 -56.82 -18.24
CA GLU B 13 1.13 -55.78 -17.21
C GLU B 13 2.41 -55.82 -16.40
N GLN B 14 2.70 -56.92 -15.73
CA GLN B 14 3.93 -57.02 -14.95
C GLN B 14 5.14 -56.67 -15.81
N THR B 15 5.29 -57.38 -16.93
CA THR B 15 6.40 -57.16 -17.86
C THR B 15 6.66 -55.69 -18.08
N ARG B 16 5.63 -55.01 -18.58
CA ARG B 16 5.66 -53.58 -18.87
C ARG B 16 6.21 -52.79 -17.70
N ARG B 17 5.64 -52.99 -16.52
CA ARG B 17 6.12 -52.27 -15.35
C ARG B 17 7.65 -52.29 -15.29
N ILE B 18 8.26 -53.38 -15.76
CA ILE B 18 9.72 -53.50 -15.73
C ILE B 18 10.43 -52.69 -16.82
N LEU B 19 9.90 -52.75 -18.03
CA LEU B 19 10.48 -51.99 -19.13
C LEU B 19 10.28 -50.51 -18.82
N ILE B 20 9.64 -50.24 -17.69
CA ILE B 20 9.40 -48.89 -17.21
C ILE B 20 10.39 -48.62 -16.09
N GLU B 21 10.66 -49.63 -15.28
CA GLU B 21 11.62 -49.43 -14.21
C GLU B 21 12.96 -49.17 -14.88
N ASN B 22 13.41 -50.15 -15.67
CA ASN B 22 14.69 -50.05 -16.37
C ASN B 22 14.68 -49.01 -17.48
N ASN B 23 13.53 -48.37 -17.69
CA ASN B 23 13.39 -47.33 -18.70
C ASN B 23 13.78 -47.88 -20.07
N LEU B 24 13.09 -48.93 -20.50
CA LEU B 24 13.35 -49.57 -21.80
C LEU B 24 12.12 -49.53 -22.69
N LEU B 25 11.00 -49.13 -22.11
CA LEU B 25 9.76 -49.09 -22.86
C LEU B 25 9.76 -47.90 -23.81
N ASN B 26 9.27 -48.14 -25.03
CA ASN B 26 9.22 -47.08 -26.03
C ASN B 26 7.99 -46.20 -25.73
N LYS B 27 8.12 -45.38 -24.69
CA LYS B 27 7.06 -44.47 -24.23
C LYS B 27 6.19 -43.90 -25.35
N ASP B 28 6.72 -43.90 -26.56
CA ASP B 28 5.98 -43.39 -27.72
C ASP B 28 4.86 -44.33 -28.13
N TYR B 29 5.05 -45.08 -29.23
CA TYR B 29 4.05 -46.03 -29.75
C TYR B 29 3.09 -46.67 -28.71
N LYS B 30 1.84 -46.86 -29.11
CA LYS B 30 0.82 -47.46 -28.23
C LYS B 30 0.82 -48.98 -28.33
N ILE B 31 0.93 -49.64 -27.18
CA ILE B 31 0.94 -51.09 -27.11
C ILE B 31 -0.21 -51.67 -27.93
N THR B 32 -0.05 -52.90 -28.39
CA THR B 32 -1.10 -53.57 -29.17
C THR B 32 -0.98 -55.08 -28.99
N SER B 33 -2.11 -55.78 -29.03
CA SER B 33 -2.08 -57.23 -28.87
C SER B 33 -2.73 -57.92 -30.06
N GLU B 34 -2.36 -59.18 -30.24
CA GLU B 34 -2.90 -60.01 -31.31
C GLU B 34 -2.92 -61.43 -30.77
N GLY B 35 -4.06 -62.08 -30.90
CA GLY B 35 -4.18 -63.43 -30.39
C GLY B 35 -3.98 -63.29 -28.90
N ASN B 36 -3.25 -64.23 -28.32
CA ASN B 36 -2.97 -64.16 -26.89
C ASN B 36 -1.55 -63.64 -26.73
N TYR B 37 -1.19 -62.71 -27.61
CA TYR B 37 0.13 -62.09 -27.61
C TYR B 37 0.02 -60.58 -27.41
N LEU B 38 0.91 -60.06 -26.57
CA LEU B 38 0.95 -58.64 -26.27
C LEU B 38 2.23 -58.12 -26.94
N TYR B 39 2.13 -56.99 -27.61
CA TYR B 39 3.30 -56.44 -28.27
C TYR B 39 3.71 -55.15 -27.58
N LEU B 40 4.84 -55.20 -26.90
CA LEU B 40 5.37 -54.06 -26.17
C LEU B 40 6.47 -53.34 -26.96
N PRO B 41 6.24 -52.08 -27.32
CA PRO B 41 7.27 -51.36 -28.06
C PRO B 41 8.49 -51.22 -27.16
N ILE B 42 9.70 -51.32 -27.72
CA ILE B 42 10.89 -51.23 -26.87
C ILE B 42 12.13 -50.66 -27.53
N LYS B 43 13.01 -50.09 -26.71
CA LYS B 43 14.28 -49.54 -27.19
C LYS B 43 15.18 -50.71 -27.56
N ASP B 44 16.39 -50.42 -28.02
CA ASP B 44 17.33 -51.46 -28.42
C ASP B 44 18.13 -51.95 -27.21
N VAL B 45 18.59 -53.19 -27.27
CA VAL B 45 19.38 -53.78 -26.20
C VAL B 45 19.46 -55.28 -26.40
N ASP B 46 20.64 -55.86 -26.15
CA ASP B 46 20.83 -57.29 -26.36
C ASP B 46 20.05 -58.15 -25.35
N GLU B 47 19.27 -59.08 -25.88
CA GLU B 47 18.48 -59.96 -25.03
C GLU B 47 19.38 -60.75 -24.09
N ASP B 48 20.68 -60.60 -24.28
CA ASP B 48 21.66 -61.29 -23.44
C ASP B 48 21.51 -60.88 -21.97
N ILE B 49 20.75 -59.81 -21.74
CA ILE B 49 20.50 -59.32 -20.39
C ILE B 49 19.01 -59.43 -20.11
N LEU B 50 18.20 -59.12 -21.10
CA LEU B 50 16.76 -59.19 -20.93
C LEU B 50 16.40 -60.50 -20.26
N LYS B 51 17.01 -61.59 -20.70
CA LYS B 51 16.73 -62.91 -20.13
C LYS B 51 17.05 -62.97 -18.63
N SER B 52 17.88 -62.04 -18.17
CA SER B 52 18.26 -62.00 -16.76
C SER B 52 17.34 -61.09 -15.93
N ILE B 53 16.72 -60.12 -16.60
CA ILE B 53 15.80 -59.20 -15.92
C ILE B 53 14.35 -59.46 -16.28
N LEU B 54 14.12 -60.61 -16.92
CA LEU B 54 12.77 -61.02 -17.30
C LEU B 54 12.63 -62.52 -17.07
N ASN B 55 12.06 -62.87 -15.92
CA ASN B 55 11.86 -64.25 -15.53
C ASN B 55 10.78 -64.90 -16.39
N ILE B 56 10.73 -64.54 -17.68
CA ILE B 56 9.72 -65.09 -18.59
C ILE B 56 10.21 -65.25 -20.02
N GLU B 57 9.43 -65.99 -20.80
CA GLU B 57 9.72 -66.25 -22.21
C GLU B 57 9.33 -65.08 -23.10
N PHE B 58 10.30 -64.56 -23.85
CA PHE B 58 10.03 -63.47 -24.77
C PHE B 58 10.65 -63.76 -26.11
N GLU B 59 10.25 -62.98 -27.11
CA GLU B 59 10.73 -63.19 -28.46
C GLU B 59 10.74 -61.85 -29.20
N LEU B 60 11.90 -61.18 -29.25
CA LEU B 60 12.01 -59.90 -29.94
C LEU B 60 11.52 -60.05 -31.39
N VAL B 61 10.74 -59.07 -31.82
CA VAL B 61 10.17 -59.07 -33.17
C VAL B 61 10.06 -57.62 -33.63
N ASP B 62 9.65 -57.43 -34.86
CA ASP B 62 9.49 -56.09 -35.42
C ASP B 62 8.15 -56.06 -36.16
N LYS B 63 7.09 -55.74 -35.43
CA LYS B 63 5.76 -55.67 -36.02
C LYS B 63 5.49 -54.27 -36.55
N GLU B 64 4.49 -54.15 -37.42
CA GLU B 64 4.11 -52.88 -38.00
C GLU B 64 4.05 -51.78 -36.93
N LEU B 65 4.01 -50.52 -37.39
CA LEU B 65 3.96 -49.36 -36.51
C LEU B 65 2.53 -48.96 -36.14
N GLU B 66 2.34 -48.36 -34.96
CA GLU B 66 1.03 -47.94 -34.52
C GLU B 66 1.13 -46.71 -33.61
N GLU B 67 1.24 -45.53 -34.21
CA GLU B 67 1.38 -44.24 -33.52
C GLU B 67 0.75 -44.10 -32.13
N LYS B 68 1.17 -43.06 -31.41
CA LYS B 68 0.69 -42.80 -30.05
C LYS B 68 0.12 -41.38 -29.85
N LYS B 69 -0.75 -41.24 -28.85
CA LYS B 69 -1.39 -39.97 -28.51
C LYS B 69 -0.44 -38.83 -28.11
N ILE B 70 -0.92 -37.59 -28.29
CA ILE B 70 -0.13 -36.39 -28.00
C ILE B 70 0.37 -36.32 -26.56
N ILE B 71 1.68 -36.44 -26.39
CA ILE B 71 2.26 -36.39 -25.07
C ILE B 71 2.50 -34.95 -24.62
N LYS B 72 2.06 -34.70 -23.38
CA LYS B 72 2.14 -33.42 -22.66
C LYS B 72 2.97 -32.23 -23.21
N LYS B 73 2.58 -31.05 -22.76
CA LYS B 73 3.24 -29.79 -23.13
C LYS B 73 4.01 -29.34 -21.89
N PRO B 74 5.13 -28.62 -22.08
CA PRO B 74 5.92 -28.16 -20.93
C PRO B 74 5.21 -27.14 -20.06
N SER B 75 5.79 -26.85 -18.91
CA SER B 75 5.22 -25.89 -17.97
C SER B 75 5.74 -24.48 -18.22
N PHE B 76 5.01 -23.49 -17.71
CA PHE B 76 5.41 -22.10 -17.86
C PHE B 76 6.83 -22.01 -17.31
N ARG B 77 6.96 -22.42 -16.05
CA ARG B 77 8.22 -22.42 -15.32
C ARG B 77 9.38 -22.95 -16.15
N GLU B 78 9.19 -24.11 -16.75
CA GLU B 78 10.25 -24.71 -17.54
C GLU B 78 10.64 -23.93 -18.78
N ILE B 79 9.73 -23.81 -19.75
CA ILE B 79 10.06 -23.09 -20.97
C ILE B 79 10.49 -21.63 -20.77
N ILE B 80 9.96 -20.95 -19.76
CA ILE B 80 10.34 -19.55 -19.52
C ILE B 80 11.80 -19.36 -19.11
N SER B 81 12.28 -20.13 -18.13
CA SER B 81 13.67 -19.99 -17.68
C SER B 81 14.67 -20.41 -18.78
N LYS B 82 14.42 -21.56 -19.39
CA LYS B 82 15.28 -22.03 -20.46
C LYS B 82 15.12 -21.14 -21.70
N LYS B 83 14.54 -19.96 -21.51
CA LYS B 83 14.34 -19.04 -22.64
C LYS B 83 14.66 -17.58 -22.31
N TYR B 84 14.67 -17.25 -21.03
CA TYR B 84 14.97 -15.90 -20.59
C TYR B 84 15.82 -16.03 -19.35
N ARG B 85 16.71 -17.02 -19.37
CA ARG B 85 17.61 -17.29 -18.25
C ARG B 85 18.21 -15.96 -17.76
N LYS B 86 18.90 -15.26 -18.66
CA LYS B 86 19.52 -13.97 -18.33
C LYS B 86 18.52 -13.05 -17.67
N GLU B 87 17.59 -12.52 -18.47
CA GLU B 87 16.56 -11.60 -17.99
C GLU B 87 16.02 -11.99 -16.62
N ILE B 88 15.82 -13.29 -16.41
CA ILE B 88 15.34 -13.76 -15.12
C ILE B 88 16.37 -13.36 -14.08
N ASP B 89 17.55 -13.94 -14.22
CA ASP B 89 18.68 -13.71 -13.34
C ASP B 89 18.69 -12.33 -12.69
N GLU B 90 18.46 -11.30 -13.49
CA GLU B 90 18.46 -9.92 -12.99
C GLU B 90 17.23 -9.57 -12.17
N GLY B 91 16.39 -10.58 -11.92
CA GLY B 91 15.17 -10.40 -11.13
C GLY B 91 14.06 -9.64 -11.82
N LEU B 92 14.06 -9.69 -13.15
CA LEU B 92 13.07 -8.96 -13.93
C LEU B 92 11.81 -9.76 -14.28
N ILE B 93 11.91 -11.08 -14.25
CA ILE B 93 10.77 -11.94 -14.57
C ILE B 93 10.53 -12.90 -13.43
N SER B 94 9.27 -13.20 -13.20
CA SER B 94 8.88 -14.11 -12.14
C SER B 94 8.33 -15.42 -12.70
N LEU B 95 8.76 -16.52 -12.11
CA LEU B 95 8.28 -17.81 -12.54
C LEU B 95 6.96 -18.04 -11.83
N SER B 96 6.82 -17.42 -10.67
CA SER B 96 5.60 -17.57 -9.90
C SER B 96 4.57 -16.58 -10.39
N TYR B 97 3.39 -17.09 -10.70
CA TYR B 97 2.30 -16.23 -11.14
C TYR B 97 1.16 -16.71 -10.31
N ASP B 98 -0.04 -16.26 -10.63
CA ASP B 98 -1.17 -16.78 -9.92
C ASP B 98 -2.38 -16.56 -10.82
N VAL B 99 -3.42 -17.35 -10.61
CA VAL B 99 -4.59 -17.25 -11.44
C VAL B 99 -5.80 -16.88 -10.61
N VAL B 100 -6.74 -16.21 -11.23
CA VAL B 100 -7.97 -15.86 -10.56
C VAL B 100 -9.00 -16.29 -11.58
N GLY B 101 -9.70 -17.36 -11.28
CA GLY B 101 -10.67 -17.84 -12.24
C GLY B 101 -9.89 -18.23 -13.48
N ASP B 102 -10.27 -17.68 -14.63
CA ASP B 102 -9.58 -18.00 -15.87
C ASP B 102 -8.74 -16.85 -16.38
N LEU B 103 -8.20 -16.08 -15.44
CA LEU B 103 -7.32 -14.94 -15.74
C LEU B 103 -6.03 -15.12 -14.96
N VAL B 104 -4.90 -15.15 -15.64
CA VAL B 104 -3.62 -15.32 -14.96
C VAL B 104 -2.91 -13.97 -14.86
N ILE B 105 -2.21 -13.76 -13.75
CA ILE B 105 -1.51 -12.51 -13.55
C ILE B 105 -0.02 -12.74 -13.29
N LEU B 106 0.78 -12.61 -14.33
CA LEU B 106 2.22 -12.79 -14.20
C LEU B 106 2.77 -11.57 -13.49
N GLN B 107 4.05 -11.61 -13.16
CA GLN B 107 4.73 -10.50 -12.53
C GLN B 107 6.04 -10.31 -13.28
N ILE B 108 6.07 -9.27 -14.12
CA ILE B 108 7.23 -8.95 -14.93
C ILE B 108 7.58 -7.52 -14.58
N SER B 109 8.86 -7.18 -14.68
CA SER B 109 9.33 -5.83 -14.34
C SER B 109 9.16 -4.79 -15.42
N ASP B 110 8.83 -3.57 -15.01
CA ASP B 110 8.65 -2.42 -15.91
C ASP B 110 9.90 -2.28 -16.76
N GLU B 111 11.02 -2.77 -16.25
CA GLU B 111 12.31 -2.67 -16.93
C GLU B 111 12.46 -3.40 -18.26
N VAL B 112 11.73 -4.50 -18.45
CA VAL B 112 11.85 -5.25 -19.71
C VAL B 112 11.10 -4.57 -20.86
N ASP B 113 11.65 -4.68 -22.07
CA ASP B 113 11.08 -4.08 -23.28
C ASP B 113 9.59 -4.40 -23.41
N GLU B 114 8.79 -3.44 -23.85
CA GLU B 114 7.35 -3.66 -23.98
C GLU B 114 6.98 -4.87 -24.82
N LYS B 115 7.72 -5.11 -25.90
CA LYS B 115 7.36 -6.25 -26.73
C LYS B 115 7.58 -7.56 -26.01
N ILE B 116 8.78 -7.74 -25.46
CA ILE B 116 9.10 -8.95 -24.74
C ILE B 116 8.04 -9.27 -23.71
N ARG B 117 7.53 -8.26 -22.99
CA ARG B 117 6.50 -8.53 -22.01
C ARG B 117 5.31 -9.20 -22.67
N LYS B 118 5.00 -8.80 -23.90
CA LYS B 118 3.89 -9.41 -24.60
C LYS B 118 4.26 -10.82 -25.09
N GLU B 119 5.49 -10.99 -25.59
CA GLU B 119 5.88 -12.30 -26.05
C GLU B 119 5.91 -13.29 -24.90
N ILE B 120 5.97 -12.78 -23.67
CA ILE B 120 5.99 -13.64 -22.49
C ILE B 120 4.56 -13.95 -22.09
N GLY B 121 3.70 -12.95 -22.20
CA GLY B 121 2.31 -13.16 -21.87
C GLY B 121 1.67 -14.01 -22.96
N GLU B 122 2.29 -13.99 -24.14
CA GLU B 122 1.80 -14.78 -25.25
C GLU B 122 2.15 -16.26 -25.07
N LEU B 123 3.11 -16.57 -24.20
CA LEU B 123 3.48 -17.96 -23.92
C LEU B 123 2.63 -18.46 -22.74
N ALA B 124 2.46 -17.60 -21.74
CA ALA B 124 1.66 -17.93 -20.58
C ALA B 124 0.28 -18.31 -21.08
N TYR B 125 -0.12 -17.63 -22.16
CA TYR B 125 -1.42 -17.84 -22.78
C TYR B 125 -1.52 -19.19 -23.50
N LYS B 126 -0.42 -19.67 -24.05
CA LYS B 126 -0.41 -20.95 -24.75
C LYS B 126 0.20 -22.04 -23.92
N LEU B 127 0.44 -21.77 -22.64
CA LEU B 127 1.04 -22.78 -21.77
C LEU B 127 0.22 -23.05 -20.52
N ILE B 128 -0.69 -22.16 -20.15
CA ILE B 128 -1.50 -22.37 -18.97
C ILE B 128 -2.94 -21.96 -19.23
N PRO B 129 -3.91 -22.69 -18.65
CA PRO B 129 -5.36 -22.53 -18.75
C PRO B 129 -5.91 -21.17 -18.37
N CYS B 130 -6.24 -20.35 -19.37
CA CYS B 130 -6.77 -19.01 -19.12
C CYS B 130 -7.32 -18.38 -20.38
N LYS B 131 -8.15 -17.36 -20.22
CA LYS B 131 -8.74 -16.64 -21.35
C LYS B 131 -8.11 -15.24 -21.50
N GLY B 132 -7.21 -14.91 -20.58
CA GLY B 132 -6.55 -13.62 -20.61
C GLY B 132 -5.32 -13.59 -19.73
N VAL B 133 -4.26 -12.94 -20.21
CA VAL B 133 -3.01 -12.82 -19.44
C VAL B 133 -2.77 -11.36 -19.07
N PHE B 134 -2.41 -11.12 -17.81
CA PHE B 134 -2.11 -9.77 -17.35
C PHE B 134 -0.76 -9.73 -16.65
N ARG B 135 -0.31 -8.53 -16.36
CA ARG B 135 0.97 -8.30 -15.68
C ARG B 135 0.74 -7.34 -14.53
N ARG B 136 1.30 -7.64 -13.36
CA ARG B 136 1.17 -6.74 -12.21
C ARG B 136 1.85 -5.47 -12.70
N LYS B 137 1.24 -4.32 -12.42
CA LYS B 137 1.79 -3.04 -12.87
C LYS B 137 2.32 -2.29 -11.67
N SER B 138 1.53 -2.24 -10.60
CA SER B 138 1.91 -1.54 -9.38
C SER B 138 1.84 -2.43 -8.16
N GLU B 139 2.17 -1.87 -7.00
CA GLU B 139 2.08 -2.59 -5.75
C GLU B 139 0.62 -2.41 -5.33
N VAL B 140 0.22 -2.94 -4.18
CA VAL B 140 -1.15 -2.77 -3.74
C VAL B 140 -1.18 -1.40 -3.10
N LYS B 141 -1.84 -0.45 -3.74
CA LYS B 141 -1.87 0.91 -3.24
C LYS B 141 -3.29 1.45 -3.13
N GLY B 142 -3.44 2.56 -2.40
CA GLY B 142 -4.74 3.18 -2.25
C GLY B 142 -5.57 2.71 -1.08
N GLU B 143 -6.74 3.32 -0.93
CA GLU B 143 -7.66 2.98 0.15
C GLU B 143 -8.36 1.65 -0.14
N PHE B 144 -8.67 1.44 -1.41
CA PHE B 144 -9.34 0.22 -1.83
C PHE B 144 -8.40 -0.98 -1.94
N ARG B 145 -7.10 -0.76 -1.87
CA ARG B 145 -6.17 -1.85 -1.99
C ARG B 145 -6.20 -2.44 -3.39
N VAL B 146 -6.41 -1.59 -4.38
CA VAL B 146 -6.44 -2.02 -5.76
C VAL B 146 -5.01 -2.11 -6.32
N ARG B 147 -4.85 -2.66 -7.51
CA ARG B 147 -3.53 -2.79 -8.11
C ARG B 147 -3.59 -2.47 -9.61
N GLU B 148 -2.62 -1.70 -10.12
CA GLU B 148 -2.58 -1.34 -11.54
C GLU B 148 -2.23 -2.60 -12.34
N LEU B 149 -2.79 -2.75 -13.54
CA LEU B 149 -2.52 -3.92 -14.37
C LEU B 149 -2.27 -3.59 -15.84
N GLU B 150 -1.58 -4.48 -16.55
CA GLU B 150 -1.33 -4.28 -17.98
C GLU B 150 -1.82 -5.50 -18.78
N HIS B 151 -2.50 -5.27 -19.90
CA HIS B 151 -2.98 -6.38 -20.71
C HIS B 151 -1.85 -6.90 -21.59
N LEU B 152 -1.53 -8.19 -21.47
CA LEU B 152 -0.47 -8.78 -22.26
C LEU B 152 -0.96 -9.66 -23.40
N ALA B 153 -1.93 -10.52 -23.13
CA ALA B 153 -2.43 -11.41 -24.16
C ALA B 153 -3.87 -11.86 -23.89
N GLY B 154 -4.57 -12.22 -24.96
CA GLY B 154 -5.94 -12.70 -24.81
C GLY B 154 -7.00 -11.63 -24.61
N GLU B 155 -8.08 -12.04 -23.95
CA GLU B 155 -9.22 -11.17 -23.68
C GLU B 155 -8.92 -10.16 -22.57
N ASN B 156 -9.37 -8.93 -22.78
CA ASN B 156 -9.13 -7.86 -21.83
C ASN B 156 -10.32 -7.61 -20.90
N ARG B 157 -10.72 -8.63 -20.15
CA ARG B 157 -11.80 -8.48 -19.19
C ARG B 157 -11.14 -8.89 -17.89
N THR B 158 -11.47 -8.19 -16.81
CA THR B 158 -10.87 -8.48 -15.51
C THR B 158 -11.92 -8.92 -14.51
N LEU B 159 -13.10 -9.22 -15.03
CA LEU B 159 -14.21 -9.69 -14.24
C LEU B 159 -14.24 -11.20 -14.53
N THR B 160 -14.27 -12.03 -13.49
CA THR B 160 -14.26 -13.46 -13.70
C THR B 160 -14.82 -14.14 -12.48
N ILE B 161 -15.01 -15.46 -12.56
CA ILE B 161 -15.54 -16.23 -11.43
C ILE B 161 -14.50 -17.17 -10.82
N HIS B 162 -14.07 -16.86 -9.60
CA HIS B 162 -13.09 -17.69 -8.93
C HIS B 162 -13.82 -18.78 -8.17
N LYS B 163 -13.10 -19.81 -7.73
CA LYS B 163 -13.69 -20.92 -6.97
C LYS B 163 -12.78 -21.53 -5.91
N GLU B 164 -13.15 -21.39 -4.65
CA GLU B 164 -12.34 -21.98 -3.58
C GLU B 164 -13.18 -22.51 -2.42
N ASN B 165 -12.62 -23.50 -1.73
CA ASN B 165 -13.27 -24.13 -0.58
C ASN B 165 -14.75 -24.45 -0.84
N GLY B 166 -15.08 -24.72 -2.10
CA GLY B 166 -16.44 -25.06 -2.46
C GLY B 166 -17.32 -23.92 -2.96
N TYR B 167 -17.04 -22.70 -2.52
CA TYR B 167 -17.85 -21.56 -2.96
C TYR B 167 -17.23 -20.86 -4.15
N ARG B 168 -18.05 -20.11 -4.89
CA ARG B 168 -17.56 -19.39 -6.05
C ARG B 168 -17.62 -17.89 -5.76
N LEU B 169 -16.77 -17.11 -6.42
CA LEU B 169 -16.76 -15.66 -6.19
C LEU B 169 -16.49 -14.86 -7.47
N TRP B 170 -17.08 -13.66 -7.53
CA TRP B 170 -16.87 -12.77 -8.66
C TRP B 170 -15.69 -11.89 -8.26
N VAL B 171 -14.85 -11.53 -9.23
CA VAL B 171 -13.70 -10.68 -8.94
C VAL B 171 -13.25 -9.87 -10.16
N ASP B 172 -13.00 -8.59 -9.95
CA ASP B 172 -12.53 -7.75 -11.04
C ASP B 172 -11.10 -7.43 -10.66
N ILE B 173 -10.17 -8.26 -11.12
CA ILE B 173 -8.78 -8.10 -10.77
C ILE B 173 -8.20 -6.69 -10.88
N ALA B 174 -8.93 -5.76 -11.49
CA ALA B 174 -8.41 -4.40 -11.61
C ALA B 174 -9.27 -3.35 -10.89
N LYS B 175 -10.26 -3.79 -10.12
CA LYS B 175 -11.12 -2.85 -9.39
C LYS B 175 -11.33 -3.19 -7.94
N VAL B 176 -10.80 -4.32 -7.50
CA VAL B 176 -10.98 -4.73 -6.11
C VAL B 176 -9.80 -5.58 -5.66
N TYR B 177 -9.77 -5.94 -4.39
CA TYR B 177 -8.69 -6.75 -3.85
C TYR B 177 -9.06 -8.21 -3.61
N PHE B 178 -8.22 -9.13 -4.11
CA PHE B 178 -8.42 -10.56 -3.90
C PHE B 178 -7.06 -11.26 -3.99
N SER B 179 -6.90 -12.33 -3.22
CA SER B 179 -5.65 -13.07 -3.25
C SER B 179 -5.91 -14.56 -3.23
N PRO B 180 -5.83 -15.22 -4.41
CA PRO B 180 -6.07 -16.65 -4.49
C PRO B 180 -5.15 -17.43 -3.56
N ARG B 181 -3.97 -16.89 -3.32
CA ARG B 181 -3.01 -17.54 -2.44
C ARG B 181 -3.47 -17.51 -1.00
N LEU B 182 -4.67 -17.00 -0.76
CA LEU B 182 -5.16 -16.89 0.61
C LEU B 182 -6.27 -17.87 0.94
N GLY B 183 -6.53 -18.79 0.01
CA GLY B 183 -7.58 -19.77 0.20
C GLY B 183 -7.37 -20.68 1.39
N GLY B 184 -6.12 -20.86 1.77
CA GLY B 184 -5.81 -21.72 2.92
C GLY B 184 -5.91 -20.95 4.22
N GLU B 185 -6.22 -19.67 4.12
CA GLU B 185 -6.38 -18.88 5.32
C GLU B 185 -7.86 -18.85 5.62
N ARG B 186 -8.66 -19.14 4.60
CA ARG B 186 -10.11 -19.17 4.74
C ARG B 186 -10.58 -20.58 5.12
N ALA B 187 -9.73 -21.56 4.87
CA ALA B 187 -10.06 -22.94 5.22
C ALA B 187 -9.86 -22.99 6.75
N ARG B 188 -9.23 -21.95 7.28
CA ARG B 188 -8.98 -21.84 8.71
C ARG B 188 -10.29 -21.40 9.33
N ILE B 189 -10.68 -20.16 9.03
CA ILE B 189 -11.91 -19.58 9.54
C ILE B 189 -13.13 -20.38 9.04
N MET B 190 -12.90 -21.66 8.73
CA MET B 190 -13.98 -22.53 8.28
C MET B 190 -13.92 -23.80 9.12
N LYS B 191 -13.00 -23.80 10.08
CA LYS B 191 -12.80 -24.92 10.98
C LYS B 191 -12.49 -24.31 12.35
N LYS B 192 -12.84 -23.04 12.49
CA LYS B 192 -12.62 -22.31 13.73
C LYS B 192 -13.84 -21.45 14.05
N VAL B 193 -14.94 -21.72 13.35
CA VAL B 193 -16.19 -20.98 13.56
C VAL B 193 -17.26 -21.92 14.14
N SER B 194 -18.11 -21.36 15.01
CA SER B 194 -19.18 -22.13 15.65
C SER B 194 -20.52 -21.43 15.47
N LEU B 195 -21.59 -22.23 15.42
CA LEU B 195 -22.95 -21.71 15.26
C LEU B 195 -23.16 -20.43 16.03
N ASN B 196 -22.89 -20.48 17.34
CA ASN B 196 -23.06 -19.32 18.21
C ASN B 196 -21.98 -18.26 18.00
N ASP B 197 -21.77 -17.89 16.74
CA ASP B 197 -20.77 -16.86 16.42
C ASP B 197 -21.38 -15.66 15.71
N VAL B 198 -20.65 -14.55 15.77
CA VAL B 198 -21.08 -13.33 15.11
C VAL B 198 -19.87 -12.79 14.35
N VAL B 199 -19.73 -13.27 13.12
CA VAL B 199 -18.63 -12.87 12.26
C VAL B 199 -18.81 -11.44 11.78
N VAL B 200 -17.74 -10.65 11.84
CA VAL B 200 -17.81 -9.28 11.39
C VAL B 200 -16.61 -8.90 10.53
N ASP B 201 -16.82 -8.90 9.22
CA ASP B 201 -15.77 -8.53 8.28
C ASP B 201 -15.74 -7.01 8.19
N MET B 202 -14.79 -6.40 8.90
CA MET B 202 -14.65 -4.96 8.89
C MET B 202 -14.13 -4.56 7.50
N PHE B 203 -13.62 -5.56 6.79
CA PHE B 203 -13.09 -5.39 5.44
C PHE B 203 -13.44 -6.68 4.70
N ALA B 204 -14.68 -6.76 4.24
CA ALA B 204 -15.18 -7.93 3.54
C ALA B 204 -14.65 -8.11 2.15
N GLY B 205 -14.25 -7.01 1.52
CA GLY B 205 -13.75 -7.09 0.16
C GLY B 205 -14.86 -7.65 -0.70
N VAL B 206 -14.63 -8.80 -1.32
CA VAL B 206 -15.67 -9.40 -2.14
C VAL B 206 -16.32 -10.51 -1.32
N GLY B 207 -15.97 -10.56 -0.04
CA GLY B 207 -16.56 -11.53 0.86
C GLY B 207 -15.95 -12.91 1.01
N PRO B 208 -14.73 -13.14 0.51
CA PRO B 208 -14.18 -14.49 0.68
C PRO B 208 -14.06 -14.90 2.15
N PHE B 209 -14.22 -13.95 3.06
CA PHE B 209 -14.15 -14.28 4.47
C PHE B 209 -15.54 -14.41 5.05
N SER B 210 -16.48 -13.70 4.44
CA SER B 210 -17.86 -13.79 4.90
C SER B 210 -18.36 -15.20 4.55
N ILE B 211 -18.33 -15.53 3.26
CA ILE B 211 -18.75 -16.85 2.79
C ILE B 211 -17.94 -17.93 3.52
N ALA B 212 -16.81 -17.52 4.10
CA ALA B 212 -15.93 -18.42 4.81
C ALA B 212 -16.40 -18.79 6.21
N CYS B 213 -17.54 -18.24 6.62
CA CYS B 213 -18.05 -18.53 7.96
C CYS B 213 -19.53 -18.86 7.96
N LYS B 214 -20.03 -19.48 6.89
CA LYS B 214 -21.45 -19.81 6.82
C LYS B 214 -21.97 -20.64 7.99
N ASN B 215 -21.06 -21.32 8.70
CA ASN B 215 -21.45 -22.11 9.86
C ASN B 215 -21.68 -21.18 11.04
N ALA B 216 -22.31 -20.04 10.75
CA ALA B 216 -22.62 -19.03 11.76
C ALA B 216 -23.78 -18.22 11.24
N LYS B 217 -24.64 -17.73 12.13
CA LYS B 217 -25.80 -16.96 11.71
C LYS B 217 -25.51 -15.54 11.25
N LYS B 218 -24.90 -14.75 12.12
CA LYS B 218 -24.58 -13.37 11.79
C LYS B 218 -23.22 -13.16 11.15
N ILE B 219 -23.24 -12.40 10.06
CA ILE B 219 -22.03 -12.07 9.31
C ILE B 219 -22.21 -10.67 8.76
N TYR B 220 -21.25 -9.79 9.07
CA TYR B 220 -21.34 -8.42 8.58
C TYR B 220 -20.22 -8.00 7.65
N ALA B 221 -20.53 -7.92 6.36
CA ALA B 221 -19.58 -7.53 5.33
C ALA B 221 -19.53 -6.01 5.20
N ILE B 222 -18.34 -5.43 5.37
CA ILE B 222 -18.21 -3.97 5.30
C ILE B 222 -17.12 -3.51 4.33
N ASP B 223 -17.38 -2.43 3.59
CA ASP B 223 -16.40 -1.93 2.64
C ASP B 223 -16.70 -0.56 2.03
N ILE B 224 -15.67 0.28 1.97
CA ILE B 224 -15.74 1.63 1.42
C ILE B 224 -15.88 1.61 -0.11
N ASN B 225 -15.21 0.64 -0.72
CA ASN B 225 -15.21 0.47 -2.17
C ASN B 225 -16.58 0.08 -2.71
N PRO B 226 -17.22 1.00 -3.46
CA PRO B 226 -18.54 0.63 -3.98
C PRO B 226 -18.44 -0.66 -4.79
N HIS B 227 -17.47 -0.72 -5.70
CA HIS B 227 -17.27 -1.90 -6.54
C HIS B 227 -17.07 -3.17 -5.71
N ALA B 228 -16.57 -3.02 -4.49
CA ALA B 228 -16.35 -4.18 -3.64
C ALA B 228 -17.69 -4.66 -3.12
N ILE B 229 -18.69 -3.80 -3.24
CA ILE B 229 -20.02 -4.17 -2.79
C ILE B 229 -20.88 -4.58 -3.96
N GLU B 230 -20.65 -3.98 -5.13
CA GLU B 230 -21.42 -4.34 -6.32
C GLU B 230 -21.22 -5.84 -6.54
N LEU B 231 -19.96 -6.28 -6.42
CA LEU B 231 -19.62 -7.68 -6.58
C LEU B 231 -20.05 -8.49 -5.35
N LEU B 232 -19.60 -8.10 -4.16
CA LEU B 232 -19.97 -8.82 -2.94
C LEU B 232 -21.42 -9.28 -2.96
N LYS B 233 -22.33 -8.34 -3.20
CA LYS B 233 -23.75 -8.67 -3.26
C LYS B 233 -23.94 -9.84 -4.22
N LYS B 234 -23.48 -9.66 -5.46
CA LYS B 234 -23.59 -10.72 -6.46
C LYS B 234 -23.07 -12.06 -5.90
N ASN B 235 -22.08 -11.98 -5.01
CA ASN B 235 -21.48 -13.16 -4.42
C ASN B 235 -22.27 -13.81 -3.29
N ILE B 236 -23.05 -13.01 -2.57
CA ILE B 236 -23.85 -13.56 -1.47
C ILE B 236 -25.03 -14.35 -2.04
N LYS B 237 -25.71 -13.75 -3.02
CA LYS B 237 -26.86 -14.38 -3.66
C LYS B 237 -26.47 -15.66 -4.38
N LEU B 238 -25.39 -15.60 -5.15
CA LEU B 238 -24.91 -16.76 -5.91
C LEU B 238 -24.62 -17.95 -5.01
N ASN B 239 -24.04 -17.69 -3.84
CA ASN B 239 -23.72 -18.75 -2.90
C ASN B 239 -24.82 -18.96 -1.86
N LYS B 240 -25.98 -18.36 -2.12
CA LYS B 240 -27.17 -18.48 -1.26
C LYS B 240 -26.91 -18.24 0.23
N LEU B 241 -26.94 -16.97 0.63
CA LEU B 241 -26.72 -16.62 2.02
C LEU B 241 -27.26 -15.24 2.38
N GLU B 242 -28.59 -15.08 2.32
CA GLU B 242 -29.22 -13.79 2.63
C GLU B 242 -29.54 -13.59 4.11
N HIS B 243 -30.15 -14.58 4.73
CA HIS B 243 -30.51 -14.48 6.15
C HIS B 243 -29.27 -14.70 7.02
N LYS B 244 -28.10 -14.67 6.40
CA LYS B 244 -26.86 -14.90 7.13
C LYS B 244 -25.80 -13.81 6.94
N ILE B 245 -25.62 -13.36 5.70
CA ILE B 245 -24.63 -12.34 5.36
C ILE B 245 -25.22 -10.96 5.07
N ILE B 246 -24.90 -9.99 5.93
CA ILE B 246 -25.40 -8.63 5.75
C ILE B 246 -24.36 -7.68 5.15
N PRO B 247 -24.55 -7.29 3.87
CA PRO B 247 -23.70 -6.39 3.07
C PRO B 247 -23.84 -4.91 3.33
N ILE B 248 -22.86 -4.34 4.02
CA ILE B 248 -22.87 -2.91 4.32
C ILE B 248 -22.06 -2.14 3.29
N LEU B 249 -21.76 -0.88 3.59
CA LEU B 249 -20.98 -0.03 2.71
C LEU B 249 -20.80 1.31 3.38
N SER B 250 -19.66 1.49 4.07
CA SER B 250 -19.36 2.72 4.77
C SER B 250 -18.12 2.51 5.64
N ASP B 251 -17.33 3.57 5.81
CA ASP B 251 -16.14 3.47 6.64
C ASP B 251 -16.51 2.59 7.84
N VAL B 252 -15.86 1.44 7.99
CA VAL B 252 -16.16 0.54 9.09
C VAL B 252 -16.22 1.33 10.39
N ARG B 253 -15.57 2.49 10.41
CA ARG B 253 -15.59 3.34 11.58
C ARG B 253 -16.99 3.89 11.79
N GLU B 254 -17.54 4.48 10.74
CA GLU B 254 -18.87 5.07 10.78
C GLU B 254 -20.00 4.06 10.71
N VAL B 255 -19.78 2.88 11.25
CA VAL B 255 -20.78 1.81 11.28
C VAL B 255 -20.81 1.36 12.73
N ASP B 256 -21.94 0.79 13.17
CA ASP B 256 -22.00 0.34 14.55
C ASP B 256 -22.83 -0.92 14.79
N VAL B 257 -22.12 -1.98 15.19
CA VAL B 257 -22.68 -3.29 15.50
C VAL B 257 -21.58 -4.10 16.17
N LYS B 258 -21.91 -5.28 16.68
CA LYS B 258 -20.90 -6.09 17.34
C LYS B 258 -21.01 -7.59 17.03
N GLY B 259 -19.98 -8.33 17.39
CA GLY B 259 -19.96 -9.76 17.14
C GLY B 259 -19.06 -10.58 18.05
N ASN B 260 -19.19 -11.90 17.92
CA ASN B 260 -18.43 -12.85 18.72
C ASN B 260 -17.12 -13.25 18.04
N ARG B 261 -16.95 -12.83 16.79
CA ARG B 261 -15.73 -13.14 16.03
C ARG B 261 -15.50 -12.06 14.98
N VAL B 262 -14.41 -11.29 15.16
CA VAL B 262 -14.06 -10.22 14.23
C VAL B 262 -12.87 -10.58 13.35
N ILE B 263 -12.95 -10.23 12.07
CA ILE B 263 -11.88 -10.54 11.14
C ILE B 263 -11.31 -9.25 10.54
N MET B 264 -10.10 -8.89 10.97
CA MET B 264 -9.43 -7.69 10.49
C MET B 264 -8.52 -7.95 9.30
N ASN B 265 -9.08 -8.47 8.22
CA ASN B 265 -8.28 -8.74 7.05
C ASN B 265 -7.84 -7.43 6.40
N LEU B 266 -6.65 -6.99 6.78
CA LEU B 266 -6.05 -5.76 6.28
C LEU B 266 -4.73 -5.54 7.04
N PRO B 267 -3.72 -6.39 6.76
CA PRO B 267 -2.38 -6.41 7.36
C PRO B 267 -1.62 -5.08 7.48
N LYS B 268 -1.44 -4.38 6.36
CA LYS B 268 -0.71 -3.14 6.38
C LYS B 268 -1.27 -2.18 7.41
N PHE B 269 -2.31 -1.44 7.03
CA PHE B 269 -2.92 -0.46 7.92
C PHE B 269 -3.71 -1.10 9.05
N ALA B 270 -3.19 -2.20 9.59
CA ALA B 270 -3.83 -2.91 10.69
C ALA B 270 -4.14 -1.95 11.84
N HIS B 271 -3.31 -2.02 12.88
CA HIS B 271 -3.39 -1.18 14.07
C HIS B 271 -4.39 0.00 14.11
N LYS B 272 -4.40 0.83 13.08
CA LYS B 272 -5.27 2.01 13.01
C LYS B 272 -6.77 1.71 13.02
N PHE B 273 -7.11 0.45 13.28
CA PHE B 273 -8.49 0.01 13.33
C PHE B 273 -8.71 -0.88 14.55
N ILE B 274 -7.64 -1.12 15.30
CA ILE B 274 -7.71 -1.93 16.50
C ILE B 274 -8.87 -1.47 17.35
N ASP B 275 -8.97 -0.16 17.54
CA ASP B 275 -10.05 0.42 18.33
C ASP B 275 -11.40 -0.11 17.89
N LYS B 276 -11.96 0.51 16.85
CA LYS B 276 -13.25 0.10 16.31
C LYS B 276 -13.41 -1.42 16.45
N ALA B 277 -12.35 -2.16 16.12
CA ALA B 277 -12.39 -3.61 16.23
C ALA B 277 -12.77 -3.94 17.67
N LEU B 278 -11.92 -3.53 18.61
CA LEU B 278 -12.18 -3.77 20.03
C LEU B 278 -13.58 -3.28 20.34
N ASP B 279 -13.82 -2.03 19.94
CA ASP B 279 -15.08 -1.36 20.15
C ASP B 279 -16.25 -2.11 19.52
N ILE B 280 -15.97 -3.12 18.70
CA ILE B 280 -17.00 -3.90 18.01
C ILE B 280 -17.13 -5.34 18.50
N VAL B 281 -16.17 -5.83 19.28
CA VAL B 281 -16.25 -7.19 19.77
C VAL B 281 -16.92 -7.28 21.14
N GLU B 282 -17.98 -8.09 21.22
CA GLU B 282 -18.71 -8.30 22.46
C GLU B 282 -17.87 -9.26 23.29
N GLU B 283 -17.39 -8.79 24.45
CA GLU B 283 -16.54 -9.56 25.36
C GLU B 283 -16.65 -11.09 25.33
N GLY B 284 -15.52 -11.74 25.57
CA GLY B 284 -15.46 -13.19 25.57
C GLY B 284 -15.11 -13.76 24.21
N GLY B 285 -15.39 -12.98 23.17
CA GLY B 285 -15.12 -13.42 21.80
C GLY B 285 -13.74 -13.15 21.23
N VAL B 286 -13.43 -13.85 20.15
CA VAL B 286 -12.15 -13.72 19.47
C VAL B 286 -12.16 -12.69 18.34
N ILE B 287 -10.99 -12.13 18.07
CA ILE B 287 -10.83 -11.15 17.00
C ILE B 287 -9.58 -11.48 16.17
N HIS B 288 -9.82 -11.91 14.94
CA HIS B 288 -8.77 -12.27 13.98
C HIS B 288 -8.05 -11.02 13.47
N TYR B 289 -6.79 -10.88 13.87
CA TYR B 289 -5.96 -9.71 13.51
C TYR B 289 -4.80 -10.04 12.59
N TYR B 290 -4.81 -9.45 11.40
CA TYR B 290 -3.73 -9.65 10.44
C TYR B 290 -2.96 -8.34 10.38
N THR B 291 -1.63 -8.44 10.32
CA THR B 291 -0.77 -7.26 10.26
C THR B 291 0.57 -7.62 9.62
N ILE B 292 1.39 -6.61 9.35
CA ILE B 292 2.72 -6.86 8.79
C ILE B 292 3.76 -6.56 9.86
N GLY B 293 4.67 -7.50 10.10
CA GLY B 293 5.68 -7.29 11.10
C GLY B 293 6.86 -8.21 10.93
N LYS B 294 7.95 -7.94 11.67
CA LYS B 294 9.16 -8.75 11.63
C LYS B 294 8.86 -10.02 12.42
N ASP B 295 8.10 -9.82 13.49
CA ASP B 295 7.68 -10.88 14.39
C ASP B 295 6.32 -10.52 14.99
N PHE B 296 5.95 -11.17 16.07
CA PHE B 296 4.66 -10.90 16.70
C PHE B 296 4.69 -9.79 17.74
N ASP B 297 5.89 -9.48 18.23
CA ASP B 297 6.09 -8.46 19.26
C ASP B 297 5.14 -7.26 19.33
N LYS B 298 5.54 -6.12 18.78
CA LYS B 298 4.71 -4.93 18.87
C LYS B 298 3.25 -5.17 18.53
N ALA B 299 2.98 -6.28 17.88
CA ALA B 299 1.60 -6.62 17.51
C ALA B 299 0.89 -7.08 18.79
N ILE B 300 1.61 -7.81 19.63
CA ILE B 300 1.09 -8.31 20.90
C ILE B 300 0.89 -7.17 21.91
N LYS B 301 1.92 -6.35 22.07
CA LYS B 301 1.84 -5.22 22.98
C LYS B 301 0.56 -4.41 22.75
N LEU B 302 0.36 -3.98 21.50
CA LEU B 302 -0.82 -3.18 21.10
C LEU B 302 -2.15 -3.62 21.70
N PHE B 303 -2.46 -4.91 21.54
CA PHE B 303 -3.72 -5.47 22.04
C PHE B 303 -3.77 -5.64 23.55
N GLU B 304 -2.86 -4.96 24.24
CA GLU B 304 -2.81 -5.00 25.69
C GLU B 304 -3.04 -3.58 26.18
N LYS B 305 -2.24 -2.65 25.67
CA LYS B 305 -2.38 -1.25 26.03
C LYS B 305 -3.84 -0.86 25.83
N LYS B 306 -4.53 -1.58 24.96
CA LYS B 306 -5.92 -1.29 24.65
C LYS B 306 -6.93 -2.20 25.33
N CYS B 307 -6.51 -3.40 25.75
CA CYS B 307 -7.43 -4.31 26.41
C CYS B 307 -6.80 -5.50 27.14
N ASP B 308 -7.65 -6.19 27.90
CA ASP B 308 -7.28 -7.38 28.67
C ASP B 308 -7.62 -8.60 27.81
N CYS B 309 -6.60 -9.22 27.22
CA CYS B 309 -6.85 -10.37 26.37
C CYS B 309 -5.72 -11.39 26.27
N GLU B 310 -6.06 -12.52 25.64
CA GLU B 310 -5.15 -13.64 25.46
C GLU B 310 -5.03 -13.99 23.98
N VAL B 311 -3.91 -14.62 23.61
CA VAL B 311 -3.66 -15.00 22.24
C VAL B 311 -3.86 -16.51 22.08
N LEU B 312 -4.94 -16.87 21.40
CA LEU B 312 -5.24 -18.28 21.18
C LEU B 312 -4.13 -18.92 20.32
N GLU B 313 -4.11 -18.58 19.03
CA GLU B 313 -3.09 -19.10 18.12
C GLU B 313 -2.46 -17.97 17.30
N LYS B 314 -1.33 -18.26 16.64
CA LYS B 314 -0.63 -17.25 15.84
C LYS B 314 0.42 -17.92 14.93
N ARG B 315 0.32 -17.67 13.62
CA ARG B 315 1.26 -18.27 12.69
C ARG B 315 1.82 -17.18 11.79
N ILE B 316 2.52 -17.62 10.74
CA ILE B 316 3.11 -16.71 9.77
C ILE B 316 2.49 -17.03 8.42
N VAL B 317 1.49 -16.23 8.05
CA VAL B 317 0.74 -16.38 6.81
C VAL B 317 1.57 -16.49 5.53
N LYS B 318 2.55 -15.60 5.37
CA LYS B 318 3.39 -15.63 4.18
C LYS B 318 4.31 -14.44 4.24
N SER B 319 5.36 -14.48 3.42
CA SER B 319 6.36 -13.43 3.36
C SER B 319 5.80 -12.19 2.69
N TYR B 320 5.99 -11.05 3.33
CA TYR B 320 5.52 -9.79 2.78
C TYR B 320 6.61 -9.18 1.94
N ALA B 321 7.83 -9.30 2.44
CA ALA B 321 9.01 -8.75 1.79
C ALA B 321 10.23 -9.41 2.43
N PRO B 322 11.45 -8.91 2.11
CA PRO B 322 12.59 -9.56 2.74
C PRO B 322 12.53 -9.43 4.26
N ARG B 323 12.46 -10.57 4.96
CA ARG B 323 12.44 -10.59 6.41
C ARG B 323 11.20 -9.94 7.03
N GLU B 324 10.14 -9.79 6.25
CA GLU B 324 8.91 -9.21 6.76
C GLU B 324 7.81 -10.17 6.34
N TYR B 325 6.83 -10.39 7.21
CA TYR B 325 5.75 -11.32 6.91
C TYR B 325 4.39 -10.75 7.28
N ILE B 326 3.33 -11.44 6.84
CA ILE B 326 1.96 -11.05 7.16
C ILE B 326 1.57 -12.01 8.26
N LEU B 327 1.33 -11.48 9.45
CA LEU B 327 1.03 -12.30 10.60
C LEU B 327 -0.45 -12.33 11.01
N ALA B 328 -0.91 -13.53 11.36
CA ALA B 328 -2.28 -13.71 11.80
C ALA B 328 -2.27 -14.03 13.29
N LEU B 329 -3.15 -13.38 14.03
CA LEU B 329 -3.26 -13.61 15.47
C LEU B 329 -4.72 -13.64 15.89
N ASP B 330 -5.03 -14.53 16.83
CA ASP B 330 -6.39 -14.65 17.33
C ASP B 330 -6.42 -14.11 18.75
N PHE B 331 -7.16 -13.02 18.95
CA PHE B 331 -7.27 -12.38 20.26
C PHE B 331 -8.63 -12.57 20.91
N LYS B 332 -8.63 -13.08 22.15
CA LYS B 332 -9.88 -13.27 22.87
C LYS B 332 -10.08 -12.03 23.73
N ILE B 333 -11.10 -11.24 23.40
CA ILE B 333 -11.40 -10.02 24.14
C ILE B 333 -12.36 -10.28 25.30
N ASN B 334 -11.86 -10.82 26.41
CA ASN B 334 -12.73 -11.09 27.56
C ASN B 334 -13.25 -9.83 28.25
N LYS B 335 -12.44 -8.77 28.29
CA LYS B 335 -12.88 -7.53 28.92
C LYS B 335 -12.00 -6.30 28.72
N LYS B 336 -12.66 -5.15 28.69
CA LYS B 336 -12.05 -3.82 28.53
C LYS B 336 -13.09 -2.82 28.05
#